data_1FT1
#
_entry.id   1FT1
#
_cell.length_a   167.060
_cell.length_b   167.060
_cell.length_c   97.900
_cell.angle_alpha   90.00
_cell.angle_beta   90.00
_cell.angle_gamma   120.00
#
_symmetry.space_group_name_H-M   'P 65'
#
loop_
_entity.id
_entity.type
_entity.pdbx_description
1 polymer 'PROTEIN FARNESYLTRANSFERASE'
2 polymer 'PROTEIN FARNESYLTRANSFERASE'
3 non-polymer 'ZINC ION'
4 water water
#
loop_
_entity_poly.entity_id
_entity_poly.type
_entity_poly.pdbx_seq_one_letter_code
_entity_poly.pdbx_strand_id
1 'polypeptide(L)'
;MAATEGVGESAPGGEPGQPEQPPPPPPPPPAQQPQEEEMAAEAGEAAASPMDDGFLSLDSPTYVLYRDRAEWADIDPVPQ
NDGPSPVVQIIYSEKFRDVYDYFRAVLQRDERSERAFKLTRDAIELNAANYTVWHFRRVLLRSLQKDLQEEMNYIIAIIE
EQPKNYQVWHHRRVLVEWLKDPSQELEFIADILNQDAKNYHAWQHRQWVIQEFRLWDNELQYVDQLLKEDVRNNSVWNQR
HFVISNTTGYSDRAVLEREVQYTLEMIKLVPHNESAWNYLKGILQDRGLSRYPNLLNQLLDLQPSHSSPYLIAFLVDIYE
DMLENQCDNKEDILNKALELCEILAKEKDTIRKEYWRYIGRSLQSKHSRESDIPASV
;
A
2 'polypeptide(L)'
;MASSSSFTYYCPPSSSPVWSEPLYSLRPEHARERLQDDSVETVTSIEQAKVEEKIQEVFSSYKFNHLVPRLVLQREKHFH
YLKRGLRQLTDAYECLDASRPWLCYWILHSLELLDEPIPQIVATDVCQFLELCQSPDGGFGGGPGQYPHLAPTYAAVNAL
CIIGTEEAYNVINREKLLQYLYSLKQPDGSFLMHVGGEVDVRSAYCAASVASLTNIITPDLFEGTAEWIARCQNWEGGIG
GVPGMEAHGGYTFCGLAALVILKKERSLNLKSLLQWVTSRQMRFEGGFQGRCNKLVDGCYSFWQAGLLPLLHRALHAQGD
PALSMSHWMFHQQALQEYILMCCQCPAGGLLDKPGKSRDFYHTCYCLSGLSIAQHFGSGAMLHDVVMGVPENVLQPTHPV
YNIGPDKVIQATTHFLQKPVPGFEECEDAVTSDPATD
;
B
#
# COMPACT_ATOMS: atom_id res chain seq x y z
N PHE A 55 -3.80 -33.89 -11.64
CA PHE A 55 -3.24 -35.25 -11.89
C PHE A 55 -1.93 -35.52 -11.15
N LEU A 56 -0.83 -35.47 -11.88
CA LEU A 56 0.49 -35.75 -11.34
C LEU A 56 1.03 -34.59 -10.54
N SER A 57 0.98 -34.71 -9.22
CA SER A 57 1.48 -33.67 -8.34
C SER A 57 2.99 -33.50 -8.48
N LEU A 58 3.45 -32.27 -8.34
CA LEU A 58 4.86 -31.92 -8.43
C LEU A 58 5.76 -32.57 -7.38
N ASP A 59 5.15 -33.13 -6.33
CA ASP A 59 5.91 -33.79 -5.27
C ASP A 59 5.71 -35.29 -5.31
N SER A 60 4.90 -35.75 -6.25
CA SER A 60 4.66 -37.17 -6.37
C SER A 60 5.98 -37.89 -6.61
N PRO A 61 6.15 -39.10 -6.04
CA PRO A 61 7.41 -39.83 -6.26
C PRO A 61 7.46 -40.24 -7.74
N THR A 62 6.29 -40.30 -8.37
CA THR A 62 6.20 -40.67 -9.77
C THR A 62 6.04 -39.49 -10.75
N TYR A 63 6.24 -38.27 -10.25
CA TYR A 63 6.15 -37.08 -11.10
C TYR A 63 7.18 -37.19 -12.20
N VAL A 64 6.79 -36.82 -13.42
CA VAL A 64 7.71 -36.84 -14.56
C VAL A 64 7.90 -35.42 -15.11
N LEU A 65 9.12 -35.09 -15.43
CA LEU A 65 9.40 -33.78 -15.98
C LEU A 65 8.69 -33.70 -17.32
N TYR A 66 8.26 -32.50 -17.71
CA TYR A 66 7.58 -32.32 -18.99
C TYR A 66 8.47 -32.76 -20.15
N ARG A 67 9.77 -32.51 -20.05
CA ARG A 67 10.70 -32.89 -21.10
C ARG A 67 10.79 -34.41 -21.28
N ASP A 68 10.19 -35.17 -20.37
CA ASP A 68 10.22 -36.62 -20.46
C ASP A 68 8.84 -37.22 -20.67
N ARG A 69 7.84 -36.38 -20.94
CA ARG A 69 6.48 -36.86 -21.17
C ARG A 69 6.29 -37.09 -22.66
N ALA A 70 5.76 -38.26 -23.00
CA ALA A 70 5.49 -38.65 -24.38
C ALA A 70 4.57 -37.62 -25.01
N GLU A 71 3.48 -37.32 -24.30
CA GLU A 71 2.46 -36.34 -24.71
C GLU A 71 2.95 -34.96 -25.06
N TRP A 72 4.20 -34.64 -24.73
CA TRP A 72 4.75 -33.30 -25.00
C TRP A 72 5.95 -33.37 -25.90
N ALA A 73 6.26 -34.57 -26.36
CA ALA A 73 7.39 -34.82 -27.22
C ALA A 73 7.42 -34.01 -28.49
N ASP A 74 6.25 -33.58 -28.96
CA ASP A 74 6.18 -32.82 -30.22
C ASP A 74 6.59 -31.37 -30.09
N ILE A 75 6.51 -30.84 -28.88
CA ILE A 75 6.82 -29.44 -28.64
C ILE A 75 8.22 -29.16 -28.10
N ASP A 76 8.88 -28.17 -28.66
CA ASP A 76 10.21 -27.77 -28.21
C ASP A 76 10.06 -26.75 -27.09
N PRO A 77 10.61 -27.03 -25.92
CA PRO A 77 10.49 -26.06 -24.83
C PRO A 77 11.18 -24.74 -25.21
N VAL A 78 10.77 -23.66 -24.57
CA VAL A 78 11.37 -22.36 -24.83
C VAL A 78 11.97 -21.89 -23.51
N PRO A 79 13.30 -21.87 -23.43
CA PRO A 79 13.95 -21.43 -22.20
C PRO A 79 13.91 -19.92 -22.11
N GLN A 80 13.96 -19.42 -20.88
CA GLN A 80 13.94 -17.99 -20.62
C GLN A 80 15.27 -17.36 -21.00
N ASN A 81 15.21 -16.22 -21.67
CA ASN A 81 16.41 -15.53 -22.06
C ASN A 81 16.63 -14.38 -21.12
N ASP A 82 17.64 -14.49 -20.26
CA ASP A 82 17.96 -13.44 -19.31
C ASP A 82 19.10 -12.58 -19.79
N GLY A 83 19.66 -12.90 -20.96
CA GLY A 83 20.76 -12.13 -21.49
C GLY A 83 22.08 -12.80 -21.18
N PRO A 84 23.20 -12.33 -21.74
CA PRO A 84 24.53 -12.91 -21.50
C PRO A 84 25.08 -12.75 -20.08
N SER A 85 24.54 -11.82 -19.30
CA SER A 85 24.99 -11.62 -17.94
C SER A 85 23.82 -11.11 -17.14
N PRO A 86 22.98 -12.03 -16.66
CA PRO A 86 21.79 -11.72 -15.88
C PRO A 86 21.97 -10.82 -14.67
N VAL A 87 20.85 -10.30 -14.19
CA VAL A 87 20.78 -9.49 -13.00
C VAL A 87 19.60 -10.12 -12.31
N VAL A 88 19.48 -9.95 -10.99
CA VAL A 88 18.40 -10.53 -10.21
C VAL A 88 17.95 -11.87 -10.73
N GLN A 89 18.91 -12.74 -11.06
CA GLN A 89 18.60 -14.05 -11.58
C GLN A 89 18.23 -15.10 -10.52
N ILE A 90 17.03 -15.65 -10.63
CA ILE A 90 16.57 -16.62 -9.68
C ILE A 90 17.13 -17.97 -10.11
N ILE A 91 17.64 -18.73 -9.15
CA ILE A 91 18.21 -20.05 -9.40
C ILE A 91 17.05 -21.00 -9.22
N TYR A 92 16.30 -21.20 -10.30
CA TYR A 92 15.11 -22.07 -10.26
C TYR A 92 15.47 -23.52 -10.08
N SER A 93 14.54 -24.27 -9.50
CA SER A 93 14.73 -25.68 -9.34
C SER A 93 14.61 -26.23 -10.75
N GLU A 94 14.90 -27.51 -10.91
CA GLU A 94 14.83 -28.17 -12.20
C GLU A 94 13.36 -28.31 -12.57
N LYS A 95 12.52 -28.64 -11.58
CA LYS A 95 11.12 -28.80 -11.83
C LYS A 95 10.43 -27.50 -12.27
N PHE A 96 10.77 -26.38 -11.62
CA PHE A 96 10.21 -25.07 -11.95
C PHE A 96 10.61 -24.63 -13.35
N ARG A 97 11.90 -24.70 -13.67
CA ARG A 97 12.40 -24.30 -14.98
C ARG A 97 11.87 -25.20 -16.10
N ASP A 98 11.54 -26.44 -15.77
CA ASP A 98 11.05 -27.39 -16.78
C ASP A 98 9.60 -27.03 -17.11
N VAL A 99 8.76 -26.88 -16.09
CA VAL A 99 7.37 -26.48 -16.28
C VAL A 99 7.33 -25.13 -17.05
N TYR A 100 8.05 -24.12 -16.59
CA TYR A 100 8.02 -22.85 -17.27
C TYR A 100 8.65 -22.84 -18.66
N ASP A 101 9.49 -23.81 -18.98
CA ASP A 101 10.06 -23.85 -20.34
C ASP A 101 8.94 -24.30 -21.29
N TYR A 102 8.06 -25.14 -20.78
CA TYR A 102 6.94 -25.65 -21.53
C TYR A 102 5.81 -24.65 -21.55
N PHE A 103 5.69 -23.83 -20.51
CA PHE A 103 4.67 -22.81 -20.50
C PHE A 103 5.03 -21.78 -21.55
N ARG A 104 6.29 -21.41 -21.64
CA ARG A 104 6.68 -20.44 -22.64
C ARG A 104 6.45 -20.95 -24.06
N ALA A 105 6.56 -22.26 -24.26
CA ALA A 105 6.36 -22.85 -25.58
C ALA A 105 4.85 -22.86 -25.90
N VAL A 106 4.05 -23.18 -24.90
CA VAL A 106 2.61 -23.20 -25.07
C VAL A 106 2.09 -21.78 -25.33
N LEU A 107 2.58 -20.81 -24.57
CA LEU A 107 2.15 -19.42 -24.70
C LEU A 107 2.58 -18.83 -26.04
N GLN A 108 3.81 -19.11 -26.43
CA GLN A 108 4.36 -18.60 -27.68
C GLN A 108 3.53 -19.00 -28.90
N ARG A 109 3.06 -20.25 -28.92
CA ARG A 109 2.26 -20.72 -30.03
C ARG A 109 0.77 -20.62 -29.71
N ASP A 110 0.44 -19.91 -28.64
CA ASP A 110 -0.93 -19.70 -28.23
C ASP A 110 -1.73 -20.98 -28.30
N GLU A 111 -1.10 -22.10 -28.01
CA GLU A 111 -1.75 -23.39 -28.08
C GLU A 111 -2.91 -23.55 -27.11
N ARG A 112 -4.11 -23.80 -27.62
CA ARG A 112 -5.29 -23.98 -26.77
C ARG A 112 -5.63 -25.45 -26.70
N SER A 113 -4.93 -26.16 -25.82
CA SER A 113 -5.10 -27.59 -25.67
C SER A 113 -5.44 -27.97 -24.26
N GLU A 114 -5.88 -29.19 -24.07
CA GLU A 114 -6.19 -29.67 -22.73
C GLU A 114 -4.87 -29.84 -21.95
N ARG A 115 -3.81 -30.20 -22.68
CA ARG A 115 -2.51 -30.37 -22.05
C ARG A 115 -1.97 -29.04 -21.56
N ALA A 116 -2.12 -27.99 -22.37
CA ALA A 116 -1.66 -26.67 -21.98
C ALA A 116 -2.45 -26.22 -20.76
N PHE A 117 -3.71 -26.63 -20.68
CA PHE A 117 -4.58 -26.28 -19.55
C PHE A 117 -4.06 -26.91 -18.26
N LYS A 118 -3.73 -28.19 -18.33
CA LYS A 118 -3.22 -28.89 -17.17
C LYS A 118 -1.82 -28.39 -16.78
N LEU A 119 -1.02 -28.01 -17.78
CA LEU A 119 0.29 -27.48 -17.51
C LEU A 119 0.21 -26.22 -16.64
N THR A 120 -0.78 -25.37 -16.88
CA THR A 120 -0.93 -24.12 -16.13
C THR A 120 -1.20 -24.34 -14.65
N ARG A 121 -1.73 -25.50 -14.29
CA ARG A 121 -2.00 -25.82 -12.89
C ARG A 121 -0.65 -26.02 -12.16
N ASP A 122 0.30 -26.66 -12.84
CA ASP A 122 1.60 -26.88 -12.24
C ASP A 122 2.35 -25.56 -12.16
N ALA A 123 2.26 -24.78 -13.23
CA ALA A 123 2.91 -23.48 -13.30
C ALA A 123 2.43 -22.58 -12.15
N ILE A 124 1.14 -22.67 -11.83
CA ILE A 124 0.52 -21.88 -10.77
C ILE A 124 1.00 -22.37 -9.43
N GLU A 125 1.19 -23.68 -9.32
CA GLU A 125 1.69 -24.31 -8.10
C GLU A 125 3.08 -23.74 -7.81
N LEU A 126 3.89 -23.68 -8.86
CA LEU A 126 5.24 -23.17 -8.78
C LEU A 126 5.34 -21.67 -8.48
N ASN A 127 4.35 -20.88 -8.91
CA ASN A 127 4.31 -19.42 -8.67
C ASN A 127 2.89 -18.91 -8.95
N ALA A 128 2.04 -18.98 -7.93
CA ALA A 128 0.65 -18.54 -8.04
C ALA A 128 0.52 -17.03 -8.18
N ALA A 129 1.64 -16.32 -8.29
CA ALA A 129 1.64 -14.86 -8.45
C ALA A 129 1.91 -14.50 -9.92
N ASN A 130 2.07 -15.51 -10.75
CA ASN A 130 2.34 -15.25 -12.15
C ASN A 130 1.03 -14.89 -12.85
N TYR A 131 0.85 -13.60 -13.12
CA TYR A 131 -0.37 -13.10 -13.77
C TYR A 131 -0.51 -13.53 -15.26
N THR A 132 0.60 -13.72 -15.96
CA THR A 132 0.57 -14.19 -17.34
C THR A 132 -0.02 -15.61 -17.42
N VAL A 133 0.35 -16.46 -16.46
CA VAL A 133 -0.11 -17.83 -16.42
C VAL A 133 -1.59 -17.84 -16.06
N TRP A 134 -1.98 -17.04 -15.08
CA TRP A 134 -3.38 -17.00 -14.70
C TRP A 134 -4.26 -16.53 -15.87
N HIS A 135 -3.80 -15.51 -16.59
CA HIS A 135 -4.53 -14.97 -17.72
C HIS A 135 -4.69 -16.04 -18.78
N PHE A 136 -3.60 -16.69 -19.15
CA PHE A 136 -3.65 -17.73 -20.17
C PHE A 136 -4.57 -18.90 -19.78
N ARG A 137 -4.67 -19.20 -18.51
CA ARG A 137 -5.54 -20.28 -18.08
C ARG A 137 -6.98 -19.88 -18.32
N ARG A 138 -7.30 -18.60 -18.17
CA ARG A 138 -8.67 -18.13 -18.39
C ARG A 138 -9.00 -18.19 -19.86
N VAL A 139 -8.03 -17.81 -20.67
CA VAL A 139 -8.16 -17.85 -22.10
C VAL A 139 -8.41 -19.32 -22.50
N LEU A 140 -7.82 -20.27 -21.77
CA LEU A 140 -8.00 -21.70 -22.04
C LEU A 140 -9.33 -22.20 -21.54
N LEU A 141 -9.79 -21.65 -20.41
CA LEU A 141 -11.08 -22.05 -19.84
C LEU A 141 -12.19 -21.77 -20.87
N ARG A 142 -12.08 -20.63 -21.54
CA ARG A 142 -13.03 -20.18 -22.56
C ARG A 142 -12.94 -21.08 -23.80
N SER A 143 -11.76 -21.15 -24.40
CA SER A 143 -11.52 -21.93 -25.61
C SER A 143 -11.90 -23.39 -25.50
N LEU A 144 -11.70 -23.95 -24.32
CA LEU A 144 -12.01 -25.35 -24.15
C LEU A 144 -13.39 -25.53 -23.56
N GLN A 145 -14.11 -24.43 -23.41
CA GLN A 145 -15.44 -24.49 -22.83
C GLN A 145 -15.37 -25.39 -21.60
N LYS A 146 -14.42 -25.09 -20.71
CA LYS A 146 -14.23 -25.89 -19.50
C LYS A 146 -15.40 -25.74 -18.53
N ASP A 147 -15.59 -26.77 -17.72
CA ASP A 147 -16.62 -26.82 -16.71
C ASP A 147 -16.25 -25.81 -15.63
N LEU A 148 -16.95 -24.69 -15.60
CA LEU A 148 -16.64 -23.65 -14.63
C LEU A 148 -16.91 -24.01 -13.17
N GLN A 149 -17.84 -24.90 -12.90
CA GLN A 149 -18.08 -25.25 -11.51
C GLN A 149 -16.95 -26.12 -11.01
N GLU A 150 -16.33 -26.84 -11.94
CA GLU A 150 -15.20 -27.69 -11.63
C GLU A 150 -14.06 -26.75 -11.22
N GLU A 151 -13.87 -25.71 -12.04
CA GLU A 151 -12.85 -24.69 -11.80
C GLU A 151 -13.11 -23.92 -10.50
N MET A 152 -14.37 -23.76 -10.14
CA MET A 152 -14.70 -23.07 -8.91
C MET A 152 -14.20 -23.93 -7.77
N ASN A 153 -14.33 -25.25 -7.90
CA ASN A 153 -13.87 -26.19 -6.87
C ASN A 153 -12.36 -26.08 -6.72
N TYR A 154 -11.67 -25.93 -7.85
CA TYR A 154 -10.22 -25.79 -7.88
C TYR A 154 -9.75 -24.50 -7.17
N ILE A 155 -10.37 -23.38 -7.53
CA ILE A 155 -10.02 -22.09 -6.97
C ILE A 155 -10.40 -21.99 -5.48
N ILE A 156 -11.43 -22.70 -5.06
CA ILE A 156 -11.85 -22.73 -3.66
C ILE A 156 -10.70 -23.30 -2.78
N ALA A 157 -10.18 -24.43 -3.24
CA ALA A 157 -9.08 -25.16 -2.60
C ALA A 157 -7.79 -24.33 -2.60
N ILE A 158 -7.46 -23.76 -3.75
CA ILE A 158 -6.27 -22.94 -3.83
C ILE A 158 -6.32 -21.71 -2.93
N ILE A 159 -7.45 -21.00 -2.92
CA ILE A 159 -7.57 -19.79 -2.11
C ILE A 159 -7.40 -20.14 -0.64
N GLU A 160 -7.96 -21.28 -0.23
CA GLU A 160 -7.84 -21.71 1.16
C GLU A 160 -6.37 -21.90 1.55
N GLU A 161 -5.55 -22.26 0.56
CA GLU A 161 -4.12 -22.45 0.74
C GLU A 161 -3.36 -21.12 0.74
N GLN A 162 -3.59 -20.28 -0.28
CA GLN A 162 -2.94 -18.98 -0.37
C GLN A 162 -4.02 -17.91 -0.29
N PRO A 163 -4.65 -17.74 0.87
CA PRO A 163 -5.71 -16.73 1.01
C PRO A 163 -5.29 -15.28 0.76
N LYS A 164 -3.99 -15.02 0.75
CA LYS A 164 -3.50 -13.66 0.58
C LYS A 164 -3.03 -13.35 -0.81
N ASN A 165 -3.13 -14.32 -1.71
CA ASN A 165 -2.69 -14.09 -3.07
C ASN A 165 -3.80 -13.36 -3.83
N TYR A 166 -3.48 -12.18 -4.38
CA TYR A 166 -4.48 -11.42 -5.12
C TYR A 166 -4.93 -12.19 -6.37
N GLN A 167 -3.98 -12.66 -7.17
CA GLN A 167 -4.27 -13.39 -8.41
C GLN A 167 -5.35 -14.43 -8.26
N VAL A 168 -5.33 -15.07 -7.10
CA VAL A 168 -6.26 -16.12 -6.79
C VAL A 168 -7.70 -15.62 -6.63
N TRP A 169 -7.90 -14.47 -5.99
CA TRP A 169 -9.24 -13.91 -5.81
C TRP A 169 -9.74 -13.30 -7.12
N HIS A 170 -8.86 -12.65 -7.85
CA HIS A 170 -9.23 -12.08 -9.13
C HIS A 170 -9.82 -13.20 -9.98
N HIS A 171 -9.14 -14.32 -10.05
CA HIS A 171 -9.63 -15.45 -10.83
C HIS A 171 -11.02 -15.90 -10.37
N ARG A 172 -11.24 -15.97 -9.06
CA ARG A 172 -12.55 -16.39 -8.55
C ARG A 172 -13.62 -15.39 -8.94
N ARG A 173 -13.25 -14.12 -8.99
CA ARG A 173 -14.17 -13.05 -9.34
C ARG A 173 -14.61 -13.24 -10.80
N VAL A 174 -13.66 -13.55 -11.68
CA VAL A 174 -13.95 -13.78 -13.07
C VAL A 174 -14.92 -14.95 -13.23
N LEU A 175 -14.64 -16.07 -12.59
CA LEU A 175 -15.50 -17.23 -12.67
C LEU A 175 -16.89 -16.90 -12.18
N VAL A 176 -17.01 -16.03 -11.16
CA VAL A 176 -18.31 -15.64 -10.63
C VAL A 176 -19.09 -14.76 -11.63
N GLU A 177 -18.44 -13.80 -12.29
CA GLU A 177 -19.20 -13.04 -13.27
C GLU A 177 -19.59 -13.98 -14.41
N TRP A 178 -18.65 -14.76 -14.92
CA TRP A 178 -18.94 -15.70 -16.00
C TRP A 178 -20.16 -16.57 -15.65
N LEU A 179 -20.12 -17.23 -14.50
CA LEU A 179 -21.22 -18.06 -14.07
C LEU A 179 -22.43 -17.25 -13.65
N LYS A 180 -22.24 -15.97 -13.35
CA LYS A 180 -23.30 -15.10 -12.85
C LYS A 180 -23.94 -15.73 -11.62
N ASP A 181 -23.20 -16.60 -10.93
CA ASP A 181 -23.71 -17.25 -9.72
C ASP A 181 -22.89 -16.89 -8.48
N PRO A 182 -23.48 -16.14 -7.54
CA PRO A 182 -22.81 -15.72 -6.30
C PRO A 182 -23.25 -16.53 -5.09
N SER A 183 -23.96 -17.62 -5.32
CA SER A 183 -24.52 -18.46 -4.25
C SER A 183 -23.56 -19.01 -3.20
N GLN A 184 -22.36 -19.38 -3.63
CA GLN A 184 -21.34 -19.95 -2.75
C GLN A 184 -20.54 -18.87 -2.04
N GLU A 185 -20.42 -17.71 -2.69
CA GLU A 185 -19.61 -16.58 -2.21
C GLU A 185 -19.58 -16.15 -0.77
N LEU A 186 -20.70 -15.75 -0.20
CA LEU A 186 -20.67 -15.28 1.17
C LEU A 186 -20.25 -16.34 2.18
N GLU A 187 -20.63 -17.61 1.97
CA GLU A 187 -20.25 -18.70 2.89
C GLU A 187 -18.75 -18.91 2.83
N PHE A 188 -18.25 -19.07 1.61
CA PHE A 188 -16.84 -19.29 1.35
C PHE A 188 -15.98 -18.20 1.98
N ILE A 189 -16.30 -16.96 1.69
CA ILE A 189 -15.54 -15.85 2.24
C ILE A 189 -15.60 -15.85 3.74
N ALA A 190 -16.72 -16.27 4.32
CA ALA A 190 -16.83 -16.29 5.77
C ALA A 190 -15.84 -17.28 6.33
N ASP A 191 -15.68 -18.40 5.63
CA ASP A 191 -14.74 -19.42 6.05
C ASP A 191 -13.34 -18.87 6.03
N ILE A 192 -12.97 -18.27 4.91
CA ILE A 192 -11.63 -17.67 4.77
C ILE A 192 -11.43 -16.66 5.90
N LEU A 193 -12.42 -15.82 6.12
CA LEU A 193 -12.32 -14.81 7.17
C LEU A 193 -12.16 -15.43 8.55
N ASN A 194 -12.46 -16.72 8.66
CA ASN A 194 -12.28 -17.39 9.94
C ASN A 194 -10.79 -17.60 10.13
N GLN A 195 -10.07 -17.88 9.04
CA GLN A 195 -8.62 -18.06 9.11
C GLN A 195 -7.97 -16.70 9.45
N ASP A 196 -8.47 -15.61 8.86
CA ASP A 196 -7.93 -14.26 9.11
C ASP A 196 -9.03 -13.25 8.82
N ALA A 197 -9.63 -12.72 9.87
CA ALA A 197 -10.73 -11.79 9.72
C ALA A 197 -10.38 -10.42 9.17
N LYS A 198 -9.14 -10.24 8.74
CA LYS A 198 -8.74 -8.95 8.25
C LYS A 198 -8.14 -9.02 6.87
N ASN A 199 -8.29 -10.18 6.25
CA ASN A 199 -7.78 -10.45 4.90
C ASN A 199 -8.30 -9.38 3.94
N TYR A 200 -7.43 -8.50 3.48
CA TYR A 200 -7.85 -7.42 2.59
C TYR A 200 -8.57 -7.91 1.36
N HIS A 201 -7.98 -8.87 0.67
CA HIS A 201 -8.53 -9.42 -0.54
C HIS A 201 -9.87 -10.09 -0.35
N ALA A 202 -10.06 -10.78 0.78
CA ALA A 202 -11.32 -11.46 1.07
C ALA A 202 -12.41 -10.43 1.31
N TRP A 203 -12.05 -9.33 1.95
CA TRP A 203 -13.00 -8.25 2.21
C TRP A 203 -13.42 -7.56 0.91
N GLN A 204 -12.44 -7.34 0.02
CA GLN A 204 -12.67 -6.72 -1.27
C GLN A 204 -13.59 -7.57 -2.12
N HIS A 205 -13.35 -8.87 -2.13
CA HIS A 205 -14.18 -9.76 -2.89
C HIS A 205 -15.59 -9.75 -2.34
N ARG A 206 -15.72 -9.75 -1.00
CA ARG A 206 -17.01 -9.72 -0.33
C ARG A 206 -17.80 -8.46 -0.69
N GLN A 207 -17.11 -7.33 -0.81
CA GLN A 207 -17.75 -6.10 -1.16
C GLN A 207 -18.22 -6.13 -2.62
N TRP A 208 -17.42 -6.74 -3.49
CA TRP A 208 -17.74 -6.84 -4.92
C TRP A 208 -18.96 -7.72 -5.15
N VAL A 209 -18.98 -8.90 -4.54
CA VAL A 209 -20.09 -9.82 -4.65
C VAL A 209 -21.37 -9.16 -4.15
N ILE A 210 -21.28 -8.48 -3.00
CA ILE A 210 -22.45 -7.83 -2.42
C ILE A 210 -23.00 -6.70 -3.28
N GLN A 211 -22.14 -5.85 -3.82
CA GLN A 211 -22.60 -4.77 -4.69
C GLN A 211 -23.12 -5.30 -6.03
N GLU A 212 -22.30 -6.08 -6.73
CA GLU A 212 -22.69 -6.63 -8.02
C GLU A 212 -23.98 -7.39 -7.99
N PHE A 213 -24.12 -8.31 -7.06
CA PHE A 213 -25.32 -9.12 -6.98
C PHE A 213 -26.30 -8.56 -5.97
N ARG A 214 -26.11 -7.31 -5.56
CA ARG A 214 -26.96 -6.65 -4.59
C ARG A 214 -27.33 -7.56 -3.42
N LEU A 215 -26.34 -8.14 -2.74
CA LEU A 215 -26.63 -9.04 -1.61
C LEU A 215 -26.47 -8.34 -0.24
N TRP A 216 -27.23 -7.26 -0.04
CA TRP A 216 -27.18 -6.47 1.20
C TRP A 216 -28.00 -6.96 2.39
N ASP A 217 -28.99 -7.80 2.10
CA ASP A 217 -29.89 -8.30 3.13
C ASP A 217 -29.36 -8.70 4.48
N ASN A 218 -28.31 -9.52 4.50
CA ASN A 218 -27.79 -10.02 5.78
C ASN A 218 -26.40 -9.60 6.19
N GLU A 219 -25.81 -8.63 5.50
CA GLU A 219 -24.47 -8.23 5.85
C GLU A 219 -24.38 -7.54 7.18
N LEU A 220 -25.33 -6.68 7.51
CA LEU A 220 -25.26 -5.96 8.78
C LEU A 220 -25.32 -6.93 9.95
N GLN A 221 -25.99 -8.05 9.75
CA GLN A 221 -26.07 -9.05 10.80
C GLN A 221 -24.72 -9.73 10.88
N TYR A 222 -24.12 -10.02 9.73
CA TYR A 222 -22.80 -10.66 9.69
C TYR A 222 -21.79 -9.77 10.43
N VAL A 223 -21.84 -8.49 10.12
CA VAL A 223 -20.99 -7.50 10.74
C VAL A 223 -21.19 -7.50 12.25
N ASP A 224 -22.42 -7.73 12.70
CA ASP A 224 -22.71 -7.77 14.13
C ASP A 224 -22.09 -8.99 14.77
N GLN A 225 -22.05 -10.08 14.02
CA GLN A 225 -21.46 -11.33 14.47
C GLN A 225 -19.94 -11.16 14.65
N LEU A 226 -19.26 -10.73 13.59
CA LEU A 226 -17.83 -10.52 13.64
C LEU A 226 -17.40 -9.45 14.65
N LEU A 227 -18.20 -8.43 14.86
CA LEU A 227 -17.84 -7.40 15.82
C LEU A 227 -17.85 -7.97 17.24
N LYS A 228 -18.70 -8.97 17.47
CA LYS A 228 -18.76 -9.61 18.77
C LYS A 228 -17.52 -10.48 18.88
N GLU A 229 -17.17 -11.16 17.81
CA GLU A 229 -15.97 -11.98 17.79
C GLU A 229 -14.73 -11.14 18.08
N ASP A 230 -14.69 -9.92 17.55
CA ASP A 230 -13.58 -9.02 17.76
C ASP A 230 -14.00 -7.60 17.40
N VAL A 231 -14.43 -6.85 18.41
CA VAL A 231 -14.88 -5.47 18.26
C VAL A 231 -13.76 -4.52 17.83
N ARG A 232 -12.52 -5.01 17.75
CA ARG A 232 -11.39 -4.17 17.35
C ARG A 232 -11.06 -4.39 15.86
N ASN A 233 -11.78 -5.31 15.22
CA ASN A 233 -11.56 -5.61 13.81
C ASN A 233 -11.98 -4.42 12.94
N ASN A 234 -11.05 -3.53 12.67
CA ASN A 234 -11.32 -2.34 11.86
C ASN A 234 -11.96 -2.66 10.49
N SER A 235 -11.69 -3.86 9.97
CA SER A 235 -12.20 -4.29 8.68
C SER A 235 -13.72 -4.44 8.76
N VAL A 236 -14.19 -4.86 9.92
CA VAL A 236 -15.60 -5.05 10.16
C VAL A 236 -16.30 -3.72 10.41
N TRP A 237 -15.63 -2.77 11.06
CA TRP A 237 -16.23 -1.46 11.30
C TRP A 237 -16.41 -0.80 9.94
N ASN A 238 -15.48 -1.08 9.04
CA ASN A 238 -15.53 -0.51 7.68
C ASN A 238 -16.68 -1.13 6.89
N GLN A 239 -16.82 -2.44 7.00
CA GLN A 239 -17.89 -3.16 6.31
C GLN A 239 -19.22 -2.61 6.76
N ARG A 240 -19.32 -2.28 8.06
CA ARG A 240 -20.54 -1.73 8.65
C ARG A 240 -20.86 -0.43 7.92
N HIS A 241 -19.88 0.43 7.76
CA HIS A 241 -20.11 1.68 7.06
C HIS A 241 -20.51 1.43 5.61
N PHE A 242 -19.85 0.46 4.97
CA PHE A 242 -20.12 0.10 3.58
C PHE A 242 -21.57 -0.33 3.41
N VAL A 243 -22.06 -1.18 4.31
CA VAL A 243 -23.45 -1.64 4.22
C VAL A 243 -24.43 -0.48 4.40
N ILE A 244 -24.29 0.24 5.50
CA ILE A 244 -25.18 1.33 5.80
C ILE A 244 -25.18 2.45 4.78
N SER A 245 -24.02 2.93 4.36
CA SER A 245 -24.04 4.02 3.39
C SER A 245 -24.58 3.56 2.02
N ASN A 246 -24.70 2.25 1.83
CA ASN A 246 -25.20 1.69 0.59
C ASN A 246 -26.62 1.17 0.68
N THR A 247 -27.21 1.29 1.86
CA THR A 247 -28.57 0.83 2.06
C THR A 247 -29.40 2.02 2.51
N THR A 248 -29.55 2.18 3.82
CA THR A 248 -30.33 3.28 4.36
C THR A 248 -29.63 4.61 4.26
N GLY A 249 -28.30 4.60 4.16
CA GLY A 249 -27.52 5.83 4.11
C GLY A 249 -27.46 6.34 5.55
N TYR A 250 -26.67 7.38 5.79
CA TYR A 250 -26.54 7.94 7.14
C TYR A 250 -27.38 9.17 7.39
N SER A 251 -27.93 9.77 6.34
CA SER A 251 -28.74 10.96 6.51
C SER A 251 -30.07 10.70 7.21
N ASP A 252 -30.56 9.47 7.14
CA ASP A 252 -31.79 9.09 7.82
C ASP A 252 -31.45 9.26 9.30
N ARG A 253 -31.84 10.39 9.88
CA ARG A 253 -31.54 10.67 11.28
C ARG A 253 -31.84 9.54 12.29
N ALA A 254 -32.72 8.62 11.95
CA ALA A 254 -33.01 7.52 12.86
C ALA A 254 -31.88 6.51 12.84
N VAL A 255 -31.34 6.26 11.65
CA VAL A 255 -30.22 5.33 11.45
C VAL A 255 -28.99 5.95 12.10
N LEU A 256 -28.74 7.22 11.83
CA LEU A 256 -27.61 7.92 12.40
C LEU A 256 -27.68 7.84 13.92
N GLU A 257 -28.87 8.03 14.47
CA GLU A 257 -29.07 7.97 15.92
C GLU A 257 -28.75 6.58 16.45
N ARG A 258 -29.21 5.57 15.71
CA ARG A 258 -28.97 4.16 16.07
C ARG A 258 -27.46 3.88 16.14
N GLU A 259 -26.75 4.34 15.12
CA GLU A 259 -25.31 4.16 14.99
C GLU A 259 -24.50 4.87 16.04
N VAL A 260 -24.80 6.13 16.30
CA VAL A 260 -24.04 6.86 17.30
C VAL A 260 -24.25 6.21 18.69
N GLN A 261 -25.47 5.81 18.97
CA GLN A 261 -25.75 5.18 20.24
C GLN A 261 -24.98 3.87 20.32
N TYR A 262 -25.05 3.08 19.26
CA TYR A 262 -24.36 1.80 19.16
C TYR A 262 -22.85 1.96 19.38
N THR A 263 -22.29 2.97 18.76
CA THR A 263 -20.87 3.24 18.88
C THR A 263 -20.52 3.68 20.30
N LEU A 264 -21.36 4.51 20.92
CA LEU A 264 -21.11 4.98 22.28
C LEU A 264 -21.11 3.85 23.30
N GLU A 265 -21.97 2.87 23.11
CA GLU A 265 -22.02 1.74 24.01
C GLU A 265 -20.76 0.88 23.81
N MET A 266 -20.30 0.82 22.57
CA MET A 266 -19.11 0.09 22.16
C MET A 266 -17.87 0.72 22.80
N ILE A 267 -17.81 2.04 22.73
CA ILE A 267 -16.71 2.82 23.30
C ILE A 267 -16.70 2.63 24.82
N LYS A 268 -17.88 2.53 25.42
CA LYS A 268 -17.99 2.34 26.87
C LYS A 268 -17.36 1.02 27.32
N LEU A 269 -17.63 -0.06 26.57
CA LEU A 269 -17.09 -1.39 26.88
C LEU A 269 -15.56 -1.46 26.71
N VAL A 270 -15.06 -0.97 25.60
CA VAL A 270 -13.63 -1.00 25.32
C VAL A 270 -13.20 0.41 24.99
N PRO A 271 -13.06 1.26 26.01
CA PRO A 271 -12.65 2.66 25.85
C PRO A 271 -11.38 2.94 25.05
N HIS A 272 -10.51 1.96 24.93
CA HIS A 272 -9.24 2.16 24.20
C HIS A 272 -9.19 1.53 22.80
N ASN A 273 -10.34 1.07 22.32
CA ASN A 273 -10.45 0.51 20.97
C ASN A 273 -10.58 1.72 20.05
N GLU A 274 -9.58 1.95 19.21
CA GLU A 274 -9.57 3.08 18.30
C GLU A 274 -10.61 2.99 17.18
N SER A 275 -10.93 1.77 16.73
CA SER A 275 -11.91 1.57 15.65
C SER A 275 -13.25 2.27 15.92
N ALA A 276 -13.83 2.00 17.08
CA ALA A 276 -15.10 2.61 17.47
C ALA A 276 -14.99 4.14 17.43
N TRP A 277 -13.94 4.68 18.01
CA TRP A 277 -13.75 6.12 18.00
C TRP A 277 -13.71 6.66 16.58
N ASN A 278 -13.04 5.92 15.71
CA ASN A 278 -12.90 6.31 14.32
C ASN A 278 -14.21 6.28 13.55
N TYR A 279 -15.04 5.27 13.83
CA TYR A 279 -16.33 5.15 13.19
C TYR A 279 -17.22 6.30 13.64
N LEU A 280 -17.25 6.56 14.95
CA LEU A 280 -18.06 7.64 15.50
C LEU A 280 -17.71 8.96 14.81
N LYS A 281 -16.44 9.29 14.73
CA LYS A 281 -16.05 10.53 14.09
C LYS A 281 -16.34 10.48 12.60
N GLY A 282 -16.26 9.28 12.03
CA GLY A 282 -16.47 9.11 10.62
C GLY A 282 -17.85 9.52 10.15
N ILE A 283 -18.87 9.07 10.87
CA ILE A 283 -20.25 9.36 10.53
C ILE A 283 -20.78 10.74 10.93
N LEU A 284 -19.99 11.50 11.69
CA LEU A 284 -20.43 12.82 12.14
C LEU A 284 -19.52 13.95 11.69
N GLN A 285 -18.26 13.63 11.39
CA GLN A 285 -17.30 14.64 10.99
C GLN A 285 -17.84 15.62 9.96
N ASP A 286 -18.36 15.08 8.87
CA ASP A 286 -18.88 15.89 7.81
C ASP A 286 -20.14 16.68 8.20
N ARG A 287 -20.86 16.21 9.20
CA ARG A 287 -22.08 16.88 9.66
C ARG A 287 -21.86 18.00 10.66
N GLY A 288 -20.65 18.14 11.17
CA GLY A 288 -20.36 19.18 12.14
C GLY A 288 -20.47 18.62 13.55
N LEU A 289 -19.32 18.24 14.12
CA LEU A 289 -19.27 17.66 15.46
C LEU A 289 -19.91 18.50 16.55
N SER A 290 -19.71 19.81 16.50
CA SER A 290 -20.28 20.67 17.54
C SER A 290 -21.80 20.78 17.50
N ARG A 291 -22.41 20.38 16.39
CA ARG A 291 -23.85 20.47 16.25
C ARG A 291 -24.62 19.50 17.12
N TYR A 292 -23.91 18.58 17.78
CA TYR A 292 -24.52 17.57 18.64
C TYR A 292 -24.20 17.83 20.11
N PRO A 293 -24.96 18.73 20.76
CA PRO A 293 -24.75 19.07 22.16
C PRO A 293 -24.81 17.91 23.15
N ASN A 294 -25.67 16.93 22.88
CA ASN A 294 -25.82 15.78 23.76
C ASN A 294 -24.69 14.79 23.61
N LEU A 295 -24.00 14.83 22.48
CA LEU A 295 -22.87 13.94 22.24
C LEU A 295 -21.74 14.44 23.14
N LEU A 296 -21.49 15.76 23.09
CA LEU A 296 -20.46 16.39 23.90
C LEU A 296 -20.65 16.14 25.40
N ASN A 297 -21.88 16.21 25.88
CA ASN A 297 -22.11 15.95 27.29
C ASN A 297 -21.91 14.49 27.63
N GLN A 298 -22.26 13.58 26.75
CA GLN A 298 -22.04 12.17 27.03
C GLN A 298 -20.54 11.87 27.00
N LEU A 299 -19.81 12.57 26.14
CA LEU A 299 -18.37 12.39 26.03
C LEU A 299 -17.66 12.85 27.29
N LEU A 300 -17.98 14.06 27.74
CA LEU A 300 -17.37 14.58 28.96
C LEU A 300 -17.68 13.67 30.12
N ASP A 301 -18.86 13.04 30.08
CA ASP A 301 -19.26 12.11 31.11
C ASP A 301 -18.43 10.83 31.11
N LEU A 302 -17.68 10.61 30.03
CA LEU A 302 -16.83 9.43 29.91
C LEU A 302 -15.47 9.72 30.53
N GLN A 303 -15.05 10.99 30.44
CA GLN A 303 -13.76 11.45 30.95
C GLN A 303 -13.23 10.80 32.22
N PRO A 304 -14.09 10.57 33.22
CA PRO A 304 -13.59 9.92 34.43
C PRO A 304 -13.15 8.46 34.17
N SER A 305 -14.01 7.52 34.50
CA SER A 305 -13.68 6.11 34.35
C SER A 305 -13.53 5.55 32.93
N HIS A 306 -13.56 6.41 31.91
CA HIS A 306 -13.46 5.95 30.52
C HIS A 306 -12.65 6.87 29.63
N SER A 307 -11.67 7.57 30.18
CA SER A 307 -10.89 8.46 29.34
C SER A 307 -9.89 7.70 28.45
N SER A 308 -9.25 8.45 27.55
CA SER A 308 -8.26 7.90 26.61
C SER A 308 -7.79 9.07 25.73
N PRO A 309 -6.66 8.90 25.01
CA PRO A 309 -6.25 10.04 24.19
C PRO A 309 -7.25 10.24 23.02
N TYR A 310 -8.07 9.21 22.77
CA TYR A 310 -9.08 9.29 21.70
C TYR A 310 -10.17 10.26 22.14
N LEU A 311 -10.69 10.04 23.35
CA LEU A 311 -11.74 10.88 23.92
C LEU A 311 -11.25 12.31 23.93
N ILE A 312 -10.02 12.53 24.38
CA ILE A 312 -9.51 13.88 24.44
C ILE A 312 -9.40 14.48 23.06
N ALA A 313 -8.94 13.68 22.10
CA ALA A 313 -8.78 14.13 20.73
C ALA A 313 -10.13 14.55 20.12
N PHE A 314 -11.17 13.77 20.41
CA PHE A 314 -12.52 14.03 19.93
C PHE A 314 -13.00 15.37 20.45
N LEU A 315 -12.80 15.63 21.74
CA LEU A 315 -13.22 16.91 22.32
C LEU A 315 -12.53 18.06 21.63
N VAL A 316 -11.30 17.85 21.20
CA VAL A 316 -10.59 18.94 20.53
C VAL A 316 -11.26 19.24 19.20
N ASP A 317 -11.76 18.18 18.55
CA ASP A 317 -12.47 18.31 17.27
C ASP A 317 -13.73 19.14 17.47
N ILE A 318 -14.51 18.76 18.47
CA ILE A 318 -15.72 19.47 18.83
C ILE A 318 -15.46 20.97 19.02
N TYR A 319 -14.42 21.31 19.79
CA TYR A 319 -14.07 22.71 20.04
C TYR A 319 -13.54 23.37 18.80
N GLU A 320 -12.85 22.59 17.97
CA GLU A 320 -12.28 23.12 16.73
C GLU A 320 -13.46 23.57 15.86
N ASP A 321 -14.48 22.71 15.80
CA ASP A 321 -15.70 22.96 15.03
C ASP A 321 -16.46 24.14 15.61
N MET A 322 -16.57 24.18 16.95
CA MET A 322 -17.23 25.29 17.61
C MET A 322 -16.63 26.60 17.17
N LEU A 323 -15.30 26.67 17.14
CA LEU A 323 -14.64 27.89 16.73
C LEU A 323 -14.90 28.20 15.26
N GLU A 324 -14.93 27.18 14.41
CA GLU A 324 -15.17 27.42 13.00
C GLU A 324 -16.57 28.01 12.88
N ASN A 325 -17.51 27.39 13.57
CA ASN A 325 -18.91 27.81 13.57
C ASN A 325 -19.19 29.12 14.31
N GLN A 326 -18.16 29.92 14.53
CA GLN A 326 -18.32 31.19 15.21
C GLN A 326 -19.17 31.05 16.47
N CYS A 327 -18.67 30.29 17.44
CA CYS A 327 -19.37 30.08 18.70
C CYS A 327 -19.26 31.31 19.59
N ASP A 328 -19.94 31.27 20.73
CA ASP A 328 -19.84 32.35 21.70
C ASP A 328 -18.81 31.88 22.72
N ASN A 329 -18.14 32.83 23.38
CA ASN A 329 -17.10 32.51 24.35
C ASN A 329 -15.92 31.94 23.57
N LYS A 330 -15.65 32.52 22.40
CA LYS A 330 -14.56 32.07 21.54
C LYS A 330 -13.31 31.79 22.37
N GLU A 331 -12.94 32.77 23.18
CA GLU A 331 -11.79 32.67 24.05
C GLU A 331 -11.84 31.44 24.98
N ASP A 332 -12.95 31.26 25.69
CA ASP A 332 -13.10 30.12 26.58
C ASP A 332 -12.89 28.79 25.83
N ILE A 333 -13.37 28.75 24.59
CA ILE A 333 -13.27 27.55 23.77
C ILE A 333 -11.85 27.34 23.25
N LEU A 334 -11.25 28.39 22.70
CA LEU A 334 -9.90 28.28 22.18
C LEU A 334 -8.99 27.79 23.28
N ASN A 335 -9.16 28.33 24.48
CA ASN A 335 -8.34 27.92 25.60
C ASN A 335 -8.58 26.49 25.99
N LYS A 336 -9.82 26.02 25.90
CA LYS A 336 -10.10 24.62 26.25
C LYS A 336 -9.46 23.70 25.21
N ALA A 337 -9.34 24.19 23.98
CA ALA A 337 -8.77 23.43 22.90
C ALA A 337 -7.27 23.38 23.08
N LEU A 338 -6.64 24.56 23.05
CA LEU A 338 -5.19 24.67 23.21
C LEU A 338 -4.66 23.88 24.41
N GLU A 339 -5.43 23.83 25.48
CA GLU A 339 -5.04 23.09 26.66
C GLU A 339 -5.00 21.60 26.33
N LEU A 340 -6.10 21.09 25.78
CA LEU A 340 -6.14 19.69 25.45
C LEU A 340 -5.06 19.39 24.42
N CYS A 341 -4.74 20.36 23.59
CA CYS A 341 -3.71 20.14 22.61
C CYS A 341 -2.36 19.92 23.31
N GLU A 342 -1.99 20.78 24.26
CA GLU A 342 -0.71 20.61 24.98
C GLU A 342 -0.68 19.35 25.83
N ILE A 343 -1.82 19.03 26.42
CA ILE A 343 -1.94 17.83 27.22
C ILE A 343 -1.64 16.62 26.31
N LEU A 344 -2.09 16.69 25.06
CA LEU A 344 -1.87 15.62 24.09
C LEU A 344 -0.44 15.60 23.58
N ALA A 345 0.09 16.77 23.26
CA ALA A 345 1.46 16.87 22.76
C ALA A 345 2.48 16.43 23.80
N LYS A 346 2.30 16.91 25.03
CA LYS A 346 3.22 16.63 26.12
C LYS A 346 2.97 15.41 26.98
N GLU A 347 1.80 14.82 26.92
CA GLU A 347 1.58 13.71 27.82
C GLU A 347 0.75 12.54 27.37
N LYS A 348 -0.48 12.80 26.95
CA LYS A 348 -1.35 11.71 26.54
C LYS A 348 -1.20 11.19 25.12
N ASP A 349 -0.47 11.90 24.25
CA ASP A 349 -0.31 11.46 22.86
C ASP A 349 0.96 12.04 22.28
N THR A 350 2.07 11.84 23.00
CA THR A 350 3.36 12.39 22.61
C THR A 350 3.92 11.90 21.28
N ILE A 351 3.52 10.71 20.84
CA ILE A 351 3.99 10.18 19.55
C ILE A 351 3.52 11.13 18.44
N ARG A 352 2.38 11.78 18.71
CA ARG A 352 1.75 12.75 17.80
C ARG A 352 2.00 14.19 18.25
N LYS A 353 3.06 14.41 19.01
CA LYS A 353 3.36 15.74 19.49
C LYS A 353 3.46 16.75 18.36
N GLU A 354 3.95 16.30 17.22
CA GLU A 354 4.12 17.18 16.08
C GLU A 354 2.78 17.62 15.48
N TYR A 355 1.84 16.68 15.46
CA TYR A 355 0.52 16.93 14.93
C TYR A 355 -0.27 17.87 15.84
N TRP A 356 -0.27 17.57 17.14
CA TRP A 356 -0.96 18.35 18.13
C TRP A 356 -0.40 19.74 18.28
N ARG A 357 0.89 19.91 18.03
CA ARG A 357 1.48 21.25 18.08
C ARG A 357 0.99 22.00 16.85
N TYR A 358 0.78 21.25 15.77
CA TYR A 358 0.30 21.84 14.54
C TYR A 358 -1.16 22.28 14.75
N ILE A 359 -1.98 21.37 15.29
CA ILE A 359 -3.38 21.67 15.56
C ILE A 359 -3.47 22.94 16.41
N GLY A 360 -2.96 22.87 17.63
CA GLY A 360 -3.01 24.03 18.50
C GLY A 360 -2.58 25.29 17.80
N ARG A 361 -1.52 25.17 17.01
CA ARG A 361 -0.98 26.29 16.28
C ARG A 361 -1.99 26.83 15.25
N SER A 362 -2.73 25.92 14.62
CA SER A 362 -3.74 26.30 13.63
C SER A 362 -4.91 26.99 14.30
N LEU A 363 -5.36 26.45 15.42
CA LEU A 363 -6.46 27.04 16.20
C LEU A 363 -6.13 28.49 16.55
N GLN A 364 -4.90 28.72 17.03
CA GLN A 364 -4.45 30.05 17.38
C GLN A 364 -4.43 30.92 16.13
N SER A 365 -3.74 30.42 15.10
CA SER A 365 -3.61 31.15 13.84
C SER A 365 -4.91 31.70 13.27
N LYS A 366 -6.04 31.12 13.65
CA LYS A 366 -7.28 31.63 13.10
C LYS A 366 -8.40 31.93 14.07
N HIS A 367 -8.13 31.86 15.36
CA HIS A 367 -9.17 32.17 16.31
C HIS A 367 -8.69 33.03 17.45
N SER A 368 -7.58 33.73 17.24
CA SER A 368 -7.02 34.59 18.28
C SER A 368 -7.07 36.06 17.89
N ARG A 369 -6.87 36.92 18.88
CA ARG A 369 -6.84 38.37 18.74
C ARG A 369 -7.94 38.98 17.87
N PRO B 22 17.35 10.89 26.72
CA PRO B 22 17.84 9.61 26.17
C PRO B 22 17.05 9.28 24.87
N LEU B 23 16.86 7.99 24.61
CA LEU B 23 16.10 7.55 23.45
C LEU B 23 14.64 7.49 23.86
N TYR B 24 13.80 8.05 23.01
CA TYR B 24 12.36 8.09 23.22
C TYR B 24 11.78 6.75 23.68
N SER B 25 12.17 5.67 23.01
CA SER B 25 11.66 4.33 23.32
C SER B 25 12.13 3.73 24.63
N LEU B 26 13.25 4.24 25.15
CA LEU B 26 13.85 3.75 26.39
C LEU B 26 13.43 4.53 27.63
N ARG B 27 13.01 5.79 27.45
CA ARG B 27 12.58 6.61 28.57
C ARG B 27 11.66 5.83 29.53
N PRO B 28 11.72 6.15 30.83
CA PRO B 28 10.91 5.49 31.86
C PRO B 28 9.40 5.52 31.59
N GLU B 29 8.90 6.71 31.29
CA GLU B 29 7.47 6.88 31.02
C GLU B 29 6.94 6.07 29.83
N HIS B 30 7.84 5.71 28.92
CA HIS B 30 7.45 4.96 27.74
C HIS B 30 6.68 3.69 28.06
N ALA B 31 6.79 3.19 29.28
CA ALA B 31 6.07 1.96 29.63
C ALA B 31 4.60 2.25 29.75
N ARG B 32 4.27 3.54 29.77
CA ARG B 32 2.89 3.98 29.85
C ARG B 32 2.22 3.84 28.49
N GLU B 33 3.02 3.78 27.43
CA GLU B 33 2.50 3.66 26.07
C GLU B 33 2.07 2.25 25.71
N ARG B 34 2.15 1.32 26.64
CA ARG B 34 1.76 -0.04 26.35
C ARG B 34 0.25 -0.18 26.24
N LEU B 35 -0.18 -1.19 25.48
CA LEU B 35 -1.59 -1.49 25.25
C LEU B 35 -2.45 -1.64 26.50
N GLN B 36 -3.58 -0.94 26.51
CA GLN B 36 -4.53 -1.04 27.60
C GLN B 36 -5.67 -1.74 26.93
N ASP B 37 -5.83 -3.03 27.18
CA ASP B 37 -6.91 -3.75 26.55
C ASP B 37 -8.23 -3.63 27.27
N ASP B 38 -8.31 -2.70 28.22
CA ASP B 38 -9.54 -2.46 29.00
C ASP B 38 -10.08 -3.77 29.57
N SER B 39 -9.19 -4.74 29.73
CA SER B 39 -9.53 -6.06 30.23
C SER B 39 -10.44 -6.81 29.29
N VAL B 40 -10.57 -6.29 28.07
CA VAL B 40 -11.38 -6.95 27.06
C VAL B 40 -10.43 -7.50 25.98
N GLU B 41 -10.15 -8.79 26.09
CA GLU B 41 -9.24 -9.44 25.16
C GLU B 41 -9.92 -9.95 23.90
N THR B 42 -9.36 -9.63 22.75
CA THR B 42 -9.86 -10.12 21.46
C THR B 42 -8.57 -10.51 20.74
N VAL B 43 -8.69 -11.19 19.61
CA VAL B 43 -7.52 -11.59 18.85
C VAL B 43 -6.60 -10.41 18.59
N THR B 44 -7.17 -9.27 18.24
CA THR B 44 -6.40 -8.07 17.96
C THR B 44 -5.48 -7.65 19.11
N SER B 45 -6.05 -7.50 20.32
CA SER B 45 -5.29 -7.06 21.50
C SER B 45 -4.22 -8.08 21.85
N ILE B 46 -4.63 -9.35 21.86
CA ILE B 46 -3.73 -10.44 22.13
C ILE B 46 -2.50 -10.40 21.20
N GLU B 47 -2.71 -10.27 19.89
CA GLU B 47 -1.59 -10.23 18.98
C GLU B 47 -0.79 -8.96 19.13
N GLN B 48 -1.46 -7.88 19.53
CA GLN B 48 -0.76 -6.59 19.71
C GLN B 48 0.15 -6.64 20.93
N ALA B 49 -0.34 -7.26 22.00
CA ALA B 49 0.42 -7.38 23.23
C ALA B 49 1.69 -8.19 22.95
N LYS B 50 1.54 -9.30 22.22
CA LYS B 50 2.68 -10.14 21.88
C LYS B 50 3.79 -9.36 21.22
N VAL B 51 3.46 -8.56 20.21
CA VAL B 51 4.48 -7.80 19.51
C VAL B 51 5.11 -6.77 20.45
N GLU B 52 4.30 -6.22 21.35
CA GLU B 52 4.80 -5.23 22.29
C GLU B 52 5.77 -5.86 23.30
N GLU B 53 5.45 -7.08 23.74
CA GLU B 53 6.31 -7.78 24.67
C GLU B 53 7.64 -8.04 23.97
N LYS B 54 7.59 -8.66 22.80
CA LYS B 54 8.80 -8.91 22.05
C LYS B 54 9.60 -7.63 21.78
N ILE B 55 8.91 -6.55 21.43
CA ILE B 55 9.61 -5.28 21.14
C ILE B 55 10.23 -4.73 22.42
N GLN B 56 9.51 -4.81 23.53
CA GLN B 56 10.01 -4.33 24.83
C GLN B 56 11.36 -5.02 25.13
N GLU B 57 11.41 -6.33 24.89
CA GLU B 57 12.63 -7.11 25.11
C GLU B 57 13.77 -6.45 24.37
N VAL B 58 13.52 -6.02 23.12
CA VAL B 58 14.54 -5.37 22.32
C VAL B 58 14.90 -4.01 22.87
N PHE B 59 13.91 -3.31 23.39
CA PHE B 59 14.15 -1.99 23.95
C PHE B 59 15.04 -2.12 25.19
N SER B 60 14.65 -3.04 26.07
CA SER B 60 15.39 -3.31 27.29
C SER B 60 16.90 -3.47 27.03
N SER B 61 17.24 -4.25 26.01
CA SER B 61 18.63 -4.47 25.65
C SER B 61 19.44 -3.20 25.45
N TYR B 62 18.83 -2.20 24.83
CA TYR B 62 19.55 -0.97 24.56
C TYR B 62 19.56 -0.05 25.74
N LYS B 63 18.61 -0.26 26.66
CA LYS B 63 18.52 0.57 27.85
C LYS B 63 19.64 0.04 28.73
N PHE B 64 19.60 -1.27 28.91
CA PHE B 64 20.55 -2.03 29.69
C PHE B 64 21.99 -1.64 29.33
N ASN B 65 22.44 -2.07 28.16
CA ASN B 65 23.83 -1.80 27.78
C ASN B 65 24.20 -0.69 26.83
N HIS B 66 25.24 0.07 27.23
CA HIS B 66 25.78 1.17 26.44
C HIS B 66 26.98 1.87 27.10
N LEU B 67 28.04 2.04 26.31
CA LEU B 67 29.29 2.69 26.69
C LEU B 67 29.83 3.28 25.39
N VAL B 68 29.48 2.65 24.28
CA VAL B 68 29.83 3.11 22.94
C VAL B 68 28.45 3.21 22.28
N PRO B 69 28.29 4.14 21.33
CA PRO B 69 27.01 4.35 20.61
C PRO B 69 26.47 3.06 19.96
N ARG B 70 25.24 2.68 20.31
CA ARG B 70 24.66 1.46 19.76
C ARG B 70 23.60 1.52 18.64
N LEU B 71 23.07 2.70 18.31
CA LEU B 71 22.07 2.79 17.22
C LEU B 71 22.88 3.01 15.96
N VAL B 72 23.19 1.92 15.29
CA VAL B 72 23.99 1.96 14.09
C VAL B 72 23.33 1.17 12.95
N LEU B 73 23.36 1.76 11.77
CA LEU B 73 22.80 1.14 10.60
C LEU B 73 23.91 0.27 10.06
N GLN B 74 23.69 -1.03 10.07
CA GLN B 74 24.66 -1.99 9.58
C GLN B 74 24.90 -1.90 8.05
N ARG B 75 25.32 -0.71 7.60
CA ARG B 75 25.55 -0.47 6.19
C ARG B 75 26.23 -1.59 5.46
N GLU B 76 27.33 -2.06 6.04
CA GLU B 76 28.18 -3.11 5.48
C GLU B 76 27.45 -4.36 5.10
N LYS B 77 26.70 -4.88 6.06
CA LYS B 77 25.94 -6.09 5.86
C LYS B 77 24.80 -5.90 4.85
N HIS B 78 24.21 -4.70 4.85
CA HIS B 78 23.12 -4.37 3.95
C HIS B 78 23.63 -4.36 2.54
N PHE B 79 24.79 -3.74 2.37
CA PHE B 79 25.40 -3.67 1.07
C PHE B 79 25.74 -5.04 0.50
N HIS B 80 26.20 -5.97 1.32
CA HIS B 80 26.56 -7.30 0.85
C HIS B 80 25.34 -8.01 0.32
N TYR B 81 24.27 -7.96 1.12
CA TYR B 81 22.99 -8.56 0.79
C TYR B 81 22.48 -8.03 -0.55
N LEU B 82 22.50 -6.70 -0.69
CA LEU B 82 22.05 -6.04 -1.90
C LEU B 82 22.89 -6.35 -3.13
N LYS B 83 24.20 -6.22 -3.01
CA LYS B 83 25.14 -6.49 -4.11
C LYS B 83 24.99 -7.92 -4.63
N ARG B 84 24.74 -8.85 -3.72
CA ARG B 84 24.54 -10.24 -4.11
C ARG B 84 23.18 -10.39 -4.82
N GLY B 85 22.11 -9.96 -4.16
CA GLY B 85 20.75 -10.04 -4.69
C GLY B 85 20.58 -9.46 -6.08
N LEU B 86 21.24 -8.34 -6.33
CA LEU B 86 21.19 -7.67 -7.63
C LEU B 86 21.73 -8.54 -8.74
N ARG B 87 22.30 -9.68 -8.40
CA ARG B 87 22.88 -10.54 -9.40
C ARG B 87 22.31 -11.94 -9.38
N GLN B 88 22.18 -12.52 -8.20
CA GLN B 88 21.71 -13.89 -8.10
C GLN B 88 20.81 -14.02 -6.89
N LEU B 89 19.70 -14.75 -7.04
CA LEU B 89 18.72 -14.96 -6.00
C LEU B 89 18.48 -16.47 -5.84
N THR B 90 18.19 -16.90 -4.62
CA THR B 90 17.94 -18.32 -4.34
C THR B 90 16.51 -18.64 -4.76
N ASP B 91 16.17 -19.92 -4.84
CA ASP B 91 14.83 -20.29 -5.24
C ASP B 91 13.77 -19.84 -4.24
N ALA B 92 14.18 -19.12 -3.20
CA ALA B 92 13.21 -18.61 -2.23
C ALA B 92 12.45 -17.49 -2.97
N TYR B 93 13.12 -16.94 -3.98
CA TYR B 93 12.58 -15.88 -4.81
C TYR B 93 11.80 -16.38 -6.05
N GLU B 94 11.56 -17.69 -6.15
CA GLU B 94 10.81 -18.23 -7.27
C GLU B 94 9.43 -17.56 -7.30
N CYS B 95 8.93 -17.24 -6.11
CA CYS B 95 7.64 -16.61 -5.95
C CYS B 95 7.60 -15.18 -6.47
N LEU B 96 8.74 -14.64 -6.90
CA LEU B 96 8.79 -13.29 -7.45
C LEU B 96 9.36 -13.30 -8.86
N ASP B 97 9.17 -14.44 -9.53
CA ASP B 97 9.61 -14.61 -10.91
C ASP B 97 8.81 -13.67 -11.85
N ALA B 98 7.61 -13.25 -11.43
CA ALA B 98 6.80 -12.31 -12.22
C ALA B 98 6.92 -10.93 -11.59
N SER B 99 8.01 -10.70 -10.87
CA SER B 99 8.24 -9.42 -10.20
C SER B 99 9.70 -9.02 -10.27
N ARG B 100 10.38 -9.47 -11.31
CA ARG B 100 11.80 -9.16 -11.44
C ARG B 100 12.16 -7.67 -11.53
N PRO B 101 11.35 -6.85 -12.25
CA PRO B 101 11.76 -5.43 -12.27
C PRO B 101 11.61 -4.81 -10.86
N TRP B 102 10.78 -5.40 -10.01
CA TRP B 102 10.62 -4.91 -8.64
C TRP B 102 11.93 -5.17 -7.87
N LEU B 103 12.47 -6.38 -7.99
CA LEU B 103 13.73 -6.75 -7.37
C LEU B 103 14.82 -5.74 -7.77
N CYS B 104 14.85 -5.37 -9.04
CA CYS B 104 15.80 -4.41 -9.55
C CYS B 104 15.60 -3.06 -8.85
N TYR B 105 14.36 -2.60 -8.72
CA TYR B 105 14.09 -1.33 -8.08
C TYR B 105 14.40 -1.37 -6.59
N TRP B 106 13.83 -2.35 -5.90
CA TRP B 106 14.05 -2.52 -4.46
C TRP B 106 15.57 -2.44 -4.19
N ILE B 107 16.33 -3.27 -4.89
CA ILE B 107 17.76 -3.31 -4.70
C ILE B 107 18.48 -2.04 -5.08
N LEU B 108 18.30 -1.54 -6.30
CA LEU B 108 18.98 -0.32 -6.70
C LEU B 108 18.61 0.91 -5.88
N HIS B 109 17.40 0.93 -5.33
CA HIS B 109 16.97 2.07 -4.54
C HIS B 109 17.63 2.00 -3.18
N SER B 110 17.68 0.81 -2.60
CA SER B 110 18.31 0.61 -1.31
C SER B 110 19.79 1.03 -1.41
N LEU B 111 20.45 0.58 -2.47
CA LEU B 111 21.85 0.92 -2.69
C LEU B 111 22.00 2.42 -2.80
N GLU B 112 21.11 3.03 -3.57
CA GLU B 112 21.12 4.48 -3.77
C GLU B 112 20.97 5.21 -2.42
N LEU B 113 20.03 4.77 -1.61
CA LEU B 113 19.81 5.37 -0.31
C LEU B 113 21.09 5.21 0.55
N LEU B 114 21.70 4.01 0.52
CA LEU B 114 22.93 3.72 1.26
C LEU B 114 24.15 4.39 0.63
N ASP B 115 23.90 5.18 -0.40
CA ASP B 115 24.97 5.89 -1.07
C ASP B 115 26.03 5.01 -1.72
N GLU B 116 25.64 3.85 -2.21
CA GLU B 116 26.58 2.97 -2.88
C GLU B 116 26.43 3.23 -4.39
N PRO B 117 27.51 3.64 -5.06
CA PRO B 117 27.36 3.89 -6.49
C PRO B 117 27.14 2.57 -7.24
N ILE B 118 26.47 2.64 -8.39
CA ILE B 118 26.22 1.44 -9.17
C ILE B 118 27.24 1.37 -10.29
N PRO B 119 28.06 0.32 -10.29
CA PRO B 119 29.09 0.14 -11.31
C PRO B 119 28.51 0.15 -12.71
N GLN B 120 29.27 0.67 -13.66
CA GLN B 120 28.84 0.75 -15.04
C GLN B 120 28.44 -0.59 -15.62
N ILE B 121 29.12 -1.67 -15.23
CA ILE B 121 28.78 -2.97 -15.77
C ILE B 121 27.40 -3.47 -15.36
N VAL B 122 27.06 -3.39 -14.08
CA VAL B 122 25.72 -3.81 -13.65
C VAL B 122 24.70 -2.83 -14.19
N ALA B 123 25.04 -1.55 -14.24
CA ALA B 123 24.14 -0.52 -14.76
C ALA B 123 23.67 -0.98 -16.13
N THR B 124 24.61 -1.28 -17.01
CA THR B 124 24.32 -1.75 -18.35
C THR B 124 23.57 -3.07 -18.37
N ASP B 125 23.89 -3.96 -17.43
CA ASP B 125 23.21 -5.25 -17.38
C ASP B 125 21.79 -5.12 -16.91
N VAL B 126 21.54 -4.15 -16.02
CA VAL B 126 20.20 -3.88 -15.52
C VAL B 126 19.39 -3.35 -16.71
N CYS B 127 19.93 -2.34 -17.38
CA CYS B 127 19.30 -1.77 -18.57
C CYS B 127 18.91 -2.88 -19.55
N GLN B 128 19.87 -3.71 -19.90
CA GLN B 128 19.62 -4.79 -20.85
C GLN B 128 18.59 -5.78 -20.38
N PHE B 129 18.59 -6.10 -19.10
CA PHE B 129 17.61 -7.03 -18.59
C PHE B 129 16.24 -6.40 -18.73
N LEU B 130 16.14 -5.15 -18.27
CA LEU B 130 14.89 -4.42 -18.33
C LEU B 130 14.36 -4.28 -19.76
N GLU B 131 15.27 -4.12 -20.71
CA GLU B 131 14.91 -4.03 -22.12
C GLU B 131 14.17 -5.32 -22.47
N LEU B 132 14.70 -6.47 -22.01
CA LEU B 132 14.09 -7.77 -22.25
C LEU B 132 12.71 -7.89 -21.60
N CYS B 133 12.47 -7.12 -20.56
CA CYS B 133 11.20 -7.19 -19.85
C CYS B 133 10.15 -6.32 -20.49
N GLN B 134 10.56 -5.47 -21.42
CA GLN B 134 9.65 -4.56 -22.09
C GLN B 134 8.82 -5.22 -23.18
N SER B 135 7.50 -5.14 -23.07
CA SER B 135 6.61 -5.69 -24.07
C SER B 135 6.77 -4.94 -25.38
N PRO B 136 6.69 -5.64 -26.53
CA PRO B 136 6.85 -4.91 -27.78
C PRO B 136 5.66 -3.95 -28.02
N ASP B 137 4.59 -4.15 -27.28
CA ASP B 137 3.46 -3.26 -27.41
C ASP B 137 3.34 -2.27 -26.24
N GLY B 138 4.49 -1.98 -25.59
CA GLY B 138 4.54 -1.04 -24.49
C GLY B 138 4.48 -1.61 -23.10
N GLY B 139 5.14 -0.95 -22.14
CA GLY B 139 5.13 -1.44 -20.76
C GLY B 139 6.16 -2.53 -20.47
N PHE B 140 6.25 -2.95 -19.21
CA PHE B 140 7.22 -3.97 -18.81
C PHE B 140 6.50 -5.09 -18.07
N GLY B 141 6.93 -6.33 -18.29
CA GLY B 141 6.32 -7.46 -17.61
C GLY B 141 7.15 -7.92 -16.42
N GLY B 142 6.69 -8.95 -15.71
CA GLY B 142 7.43 -9.43 -14.54
C GLY B 142 8.76 -10.09 -14.87
N GLY B 143 8.98 -10.38 -16.13
CA GLY B 143 10.21 -11.02 -16.56
C GLY B 143 10.16 -11.08 -18.07
N PRO B 144 11.20 -11.60 -18.74
CA PRO B 144 11.20 -11.66 -20.20
C PRO B 144 10.07 -12.52 -20.78
N GLY B 145 9.38 -11.97 -21.76
CA GLY B 145 8.30 -12.70 -22.39
C GLY B 145 7.01 -12.74 -21.60
N GLN B 146 6.93 -12.00 -20.50
CA GLN B 146 5.70 -11.97 -19.70
C GLN B 146 4.84 -10.77 -20.17
N TYR B 147 3.53 -10.86 -20.02
CA TYR B 147 2.68 -9.74 -20.44
C TYR B 147 3.09 -8.54 -19.61
N PRO B 148 2.94 -7.32 -20.17
CA PRO B 148 3.31 -6.12 -19.40
C PRO B 148 2.30 -5.95 -18.25
N HIS B 149 2.65 -5.18 -17.24
CA HIS B 149 1.78 -5.01 -16.08
C HIS B 149 2.24 -3.67 -15.52
N LEU B 150 1.33 -2.87 -14.98
CA LEU B 150 1.69 -1.57 -14.43
C LEU B 150 2.65 -1.54 -13.22
N ALA B 151 2.55 -2.52 -12.32
CA ALA B 151 3.45 -2.56 -11.16
C ALA B 151 4.90 -2.71 -11.66
N PRO B 152 5.21 -3.79 -12.44
CA PRO B 152 6.59 -3.89 -12.92
C PRO B 152 7.00 -2.76 -13.85
N THR B 153 6.00 -2.08 -14.44
CA THR B 153 6.28 -0.97 -15.35
C THR B 153 6.80 0.20 -14.53
N TYR B 154 6.14 0.46 -13.40
CA TYR B 154 6.53 1.52 -12.45
C TYR B 154 7.96 1.26 -11.93
N ALA B 155 8.20 0.03 -11.47
CA ALA B 155 9.49 -0.41 -10.94
C ALA B 155 10.56 -0.28 -12.00
N ALA B 156 10.31 -0.80 -13.20
CA ALA B 156 11.30 -0.72 -14.27
C ALA B 156 11.71 0.70 -14.62
N VAL B 157 10.74 1.61 -14.65
CA VAL B 157 11.02 3.01 -14.99
C VAL B 157 11.79 3.64 -13.83
N ASN B 158 11.36 3.36 -12.61
CA ASN B 158 12.06 3.88 -11.43
C ASN B 158 13.52 3.37 -11.43
N ALA B 159 13.70 2.07 -11.65
CA ALA B 159 15.04 1.48 -11.69
C ALA B 159 15.90 2.16 -12.74
N LEU B 160 15.36 2.33 -13.96
CA LEU B 160 16.12 2.96 -15.04
C LEU B 160 16.47 4.43 -14.71
N CYS B 161 15.58 5.07 -13.98
CA CYS B 161 15.81 6.44 -13.56
C CYS B 161 16.85 6.51 -12.45
N ILE B 162 16.93 5.47 -11.62
CA ILE B 162 17.93 5.41 -10.56
C ILE B 162 19.30 5.28 -11.23
N ILE B 163 19.39 4.47 -12.29
CA ILE B 163 20.64 4.33 -13.01
C ILE B 163 20.93 5.67 -13.67
N GLY B 164 19.89 6.31 -14.20
CA GLY B 164 20.01 7.66 -14.78
C GLY B 164 20.97 8.01 -15.89
N THR B 165 21.42 7.03 -16.64
CA THR B 165 22.33 7.29 -17.75
C THR B 165 21.45 7.47 -18.98
N GLU B 166 22.06 7.83 -20.11
CA GLU B 166 21.29 7.97 -21.36
C GLU B 166 20.87 6.59 -21.83
N GLU B 167 21.74 5.60 -21.62
CA GLU B 167 21.45 4.23 -21.99
C GLU B 167 20.21 3.77 -21.24
N ALA B 168 20.12 4.12 -19.96
CA ALA B 168 18.98 3.75 -19.13
C ALA B 168 17.69 4.38 -19.67
N TYR B 169 17.69 5.68 -19.87
CA TYR B 169 16.53 6.41 -20.39
C TYR B 169 16.08 5.85 -21.73
N ASN B 170 17.05 5.66 -22.63
CA ASN B 170 16.81 5.17 -23.96
C ASN B 170 16.17 3.79 -24.05
N VAL B 171 16.10 3.08 -22.94
CA VAL B 171 15.48 1.75 -22.92
C VAL B 171 13.97 1.85 -23.11
N ILE B 172 13.36 2.84 -22.46
CA ILE B 172 11.92 3.04 -22.50
C ILE B 172 11.36 3.49 -23.84
N ASN B 173 10.53 2.63 -24.45
CA ASN B 173 9.89 2.99 -25.71
C ASN B 173 8.71 3.85 -25.24
N ARG B 174 8.88 5.16 -25.36
CA ARG B 174 7.88 6.13 -24.92
C ARG B 174 6.55 6.09 -25.66
N GLU B 175 6.61 5.93 -26.99
CA GLU B 175 5.40 5.87 -27.80
C GLU B 175 4.57 4.66 -27.39
N LYS B 176 5.22 3.51 -27.29
CA LYS B 176 4.53 2.28 -26.91
C LYS B 176 4.02 2.30 -25.49
N LEU B 177 4.76 2.96 -24.61
CA LEU B 177 4.34 3.06 -23.21
C LEU B 177 3.03 3.83 -23.15
N LEU B 178 2.94 4.94 -23.88
CA LEU B 178 1.69 5.74 -23.92
C LEU B 178 0.53 4.87 -24.43
N GLN B 179 0.77 4.17 -25.52
CA GLN B 179 -0.23 3.28 -26.10
C GLN B 179 -0.67 2.30 -25.05
N TYR B 180 0.30 1.76 -24.31
CA TYR B 180 0.01 0.78 -23.26
C TYR B 180 -0.83 1.39 -22.14
N LEU B 181 -0.53 2.61 -21.72
CA LEU B 181 -1.35 3.21 -20.67
C LEU B 181 -2.78 3.40 -21.15
N TYR B 182 -2.94 3.78 -22.43
CA TYR B 182 -4.27 3.95 -23.02
C TYR B 182 -5.05 2.66 -23.01
N SER B 183 -4.37 1.56 -23.32
CA SER B 183 -5.01 0.26 -23.32
C SER B 183 -5.56 -0.14 -21.97
N LEU B 184 -5.06 0.50 -20.91
CA LEU B 184 -5.51 0.16 -19.55
C LEU B 184 -6.44 1.18 -18.98
N LYS B 185 -6.39 2.39 -19.52
CA LYS B 185 -7.25 3.49 -19.08
C LYS B 185 -8.72 3.16 -19.27
N GLN B 186 -9.50 3.36 -18.22
CA GLN B 186 -10.92 3.08 -18.25
C GLN B 186 -11.72 4.37 -18.30
N PRO B 187 -12.98 4.30 -18.73
CA PRO B 187 -13.84 5.47 -18.82
C PRO B 187 -14.06 6.18 -17.49
N ASP B 188 -14.18 5.44 -16.40
CA ASP B 188 -14.39 6.09 -15.11
C ASP B 188 -13.16 6.74 -14.47
N GLY B 189 -12.04 6.75 -15.18
CA GLY B 189 -10.83 7.36 -14.65
C GLY B 189 -9.77 6.40 -14.09
N SER B 190 -10.16 5.17 -13.83
CA SER B 190 -9.27 4.19 -13.28
C SER B 190 -8.42 3.52 -14.35
N PHE B 191 -7.47 2.69 -13.92
CA PHE B 191 -6.58 1.96 -14.83
C PHE B 191 -6.53 0.50 -14.41
N LEU B 192 -6.49 -0.39 -15.38
CA LEU B 192 -6.37 -1.82 -15.10
C LEU B 192 -4.88 -2.07 -14.73
N MET B 193 -4.62 -3.06 -13.89
CA MET B 193 -3.24 -3.41 -13.52
C MET B 193 -2.60 -3.93 -14.78
N HIS B 194 -3.39 -4.64 -15.58
CA HIS B 194 -2.93 -5.21 -16.85
C HIS B 194 -4.17 -5.58 -17.67
N VAL B 195 -3.95 -5.93 -18.93
CA VAL B 195 -5.00 -6.33 -19.87
C VAL B 195 -5.73 -7.54 -19.29
N GLY B 196 -7.04 -7.40 -19.10
CA GLY B 196 -7.78 -8.49 -18.51
C GLY B 196 -7.61 -8.51 -17.00
N GLY B 197 -7.11 -7.41 -16.44
CA GLY B 197 -6.90 -7.35 -15.00
C GLY B 197 -7.93 -6.49 -14.34
N GLU B 198 -7.66 -6.05 -13.11
CA GLU B 198 -8.56 -5.19 -12.35
C GLU B 198 -7.89 -3.90 -12.03
N VAL B 199 -8.63 -2.99 -11.41
CA VAL B 199 -8.10 -1.67 -11.09
C VAL B 199 -7.95 -1.46 -9.58
N ASP B 200 -7.09 -0.51 -9.22
CA ASP B 200 -6.92 -0.10 -7.83
C ASP B 200 -6.16 1.19 -7.82
N VAL B 201 -6.12 1.85 -6.67
CA VAL B 201 -5.41 3.14 -6.57
C VAL B 201 -3.94 3.01 -6.98
N ARG B 202 -3.36 1.85 -6.71
CA ARG B 202 -1.95 1.64 -7.01
C ARG B 202 -1.65 1.71 -8.52
N SER B 203 -2.53 1.13 -9.35
CA SER B 203 -2.31 1.16 -10.80
C SER B 203 -2.39 2.58 -11.33
N ALA B 204 -3.28 3.38 -10.73
CA ALA B 204 -3.45 4.78 -11.11
C ALA B 204 -2.15 5.49 -10.80
N TYR B 205 -1.56 5.13 -9.65
CA TYR B 205 -0.29 5.68 -9.22
C TYR B 205 0.84 5.22 -10.13
N CYS B 206 0.86 3.96 -10.53
CA CYS B 206 1.94 3.51 -11.41
C CYS B 206 1.93 4.23 -12.75
N ALA B 207 0.72 4.48 -13.28
CA ALA B 207 0.54 5.19 -14.57
C ALA B 207 0.97 6.64 -14.44
N ALA B 208 0.50 7.33 -13.40
CA ALA B 208 0.88 8.73 -13.19
C ALA B 208 2.38 8.91 -12.98
N SER B 209 2.99 8.00 -12.20
CA SER B 209 4.43 8.05 -11.94
C SER B 209 5.21 7.91 -13.24
N VAL B 210 4.93 6.83 -13.95
CA VAL B 210 5.60 6.53 -15.22
C VAL B 210 5.33 7.55 -16.35
N ALA B 211 4.09 8.03 -16.45
CA ALA B 211 3.74 9.00 -17.48
C ALA B 211 4.42 10.35 -17.25
N SER B 212 4.41 10.83 -16.01
CA SER B 212 5.06 12.11 -15.73
C SER B 212 6.58 12.09 -15.88
N LEU B 213 7.23 11.01 -15.44
CA LEU B 213 8.70 10.94 -15.56
C LEU B 213 9.15 10.90 -17.02
N THR B 214 8.47 10.12 -17.84
CA THR B 214 8.85 10.05 -19.24
C THR B 214 8.26 11.15 -20.12
N ASN B 215 7.41 12.00 -19.56
CA ASN B 215 6.80 13.10 -20.30
C ASN B 215 5.89 12.64 -21.45
N ILE B 216 4.88 11.83 -21.14
CA ILE B 216 3.97 11.34 -22.14
C ILE B 216 2.52 11.61 -21.71
N ILE B 217 2.30 12.64 -20.90
CA ILE B 217 0.94 12.95 -20.44
C ILE B 217 0.15 13.75 -21.49
N THR B 218 -0.79 13.06 -22.12
CA THR B 218 -1.64 13.67 -23.13
C THR B 218 -2.80 14.34 -22.41
N PRO B 219 -3.50 15.26 -23.09
CA PRO B 219 -4.62 15.95 -22.46
C PRO B 219 -5.68 15.06 -21.86
N ASP B 220 -5.89 13.89 -22.45
CA ASP B 220 -6.95 13.01 -21.94
C ASP B 220 -6.50 11.77 -21.17
N LEU B 221 -5.19 11.51 -21.14
CA LEU B 221 -4.67 10.32 -20.45
C LEU B 221 -5.20 10.08 -19.03
N PHE B 222 -5.25 11.13 -18.21
CA PHE B 222 -5.75 10.97 -16.85
C PHE B 222 -7.12 11.59 -16.61
N GLU B 223 -7.94 11.64 -17.66
CA GLU B 223 -9.27 12.22 -17.55
C GLU B 223 -10.10 11.44 -16.54
N GLY B 224 -10.60 12.11 -15.52
CA GLY B 224 -11.43 11.46 -14.52
C GLY B 224 -10.68 10.68 -13.46
N THR B 225 -9.36 10.54 -13.62
CA THR B 225 -8.53 9.78 -12.67
C THR B 225 -8.53 10.35 -11.26
N ALA B 226 -8.32 11.66 -11.14
CA ALA B 226 -8.31 12.32 -9.84
C ALA B 226 -9.62 12.09 -9.06
N GLU B 227 -10.76 12.13 -9.74
CA GLU B 227 -12.02 11.94 -9.06
C GLU B 227 -12.19 10.49 -8.70
N TRP B 228 -11.63 9.59 -9.51
CA TRP B 228 -11.75 8.17 -9.20
C TRP B 228 -10.91 7.91 -7.93
N ILE B 229 -9.69 8.44 -7.88
CA ILE B 229 -8.85 8.28 -6.69
C ILE B 229 -9.52 8.90 -5.46
N ALA B 230 -10.04 10.12 -5.61
CA ALA B 230 -10.72 10.79 -4.48
C ALA B 230 -11.86 9.98 -3.89
N ARG B 231 -12.50 9.14 -4.70
CA ARG B 231 -13.59 8.32 -4.21
C ARG B 231 -13.07 7.15 -3.38
N CYS B 232 -11.77 6.89 -3.44
CA CYS B 232 -11.19 5.79 -2.67
C CYS B 232 -10.96 6.20 -1.21
N GLN B 233 -10.87 7.51 -0.95
CA GLN B 233 -10.70 7.99 0.42
C GLN B 233 -11.97 7.63 1.17
N ASN B 234 -11.87 6.96 2.31
CA ASN B 234 -13.08 6.58 3.02
C ASN B 234 -13.36 7.36 4.30
N TRP B 235 -14.30 6.88 5.10
CA TRP B 235 -14.69 7.53 6.36
C TRP B 235 -13.55 7.75 7.38
N GLU B 236 -12.50 6.93 7.28
CA GLU B 236 -11.34 7.02 8.19
C GLU B 236 -10.42 8.18 7.88
N GLY B 237 -10.48 8.64 6.63
CA GLY B 237 -9.64 9.73 6.20
C GLY B 237 -8.57 9.19 5.27
N GLY B 238 -8.37 7.88 5.32
CA GLY B 238 -7.39 7.21 4.49
C GLY B 238 -7.99 6.67 3.20
N ILE B 239 -7.17 6.05 2.36
CA ILE B 239 -7.59 5.52 1.07
C ILE B 239 -7.51 3.99 0.92
N GLY B 240 -8.62 3.38 0.47
CA GLY B 240 -8.70 1.94 0.24
C GLY B 240 -8.24 1.66 -1.19
N GLY B 241 -8.13 0.39 -1.58
CA GLY B 241 -7.67 0.06 -2.93
C GLY B 241 -8.65 0.38 -4.05
N VAL B 242 -9.93 0.24 -3.72
CA VAL B 242 -11.08 0.53 -4.58
C VAL B 242 -12.12 1.19 -3.65
N PRO B 243 -13.01 2.04 -4.20
CA PRO B 243 -14.01 2.67 -3.33
C PRO B 243 -14.72 1.68 -2.44
N GLY B 244 -14.93 2.08 -1.19
CA GLY B 244 -15.61 1.21 -0.24
C GLY B 244 -14.69 0.39 0.64
N MET B 245 -13.45 0.20 0.22
CA MET B 245 -12.49 -0.59 0.97
C MET B 245 -11.85 0.16 2.13
N GLU B 246 -11.43 -0.61 3.13
CA GLU B 246 -10.77 -0.10 4.33
C GLU B 246 -9.52 0.72 4.00
N ALA B 247 -9.30 1.82 4.72
CA ALA B 247 -8.13 2.68 4.50
C ALA B 247 -6.89 1.82 4.76
N HIS B 248 -5.92 1.88 3.85
CA HIS B 248 -4.71 1.06 3.90
C HIS B 248 -3.52 1.90 3.51
N GLY B 249 -2.45 1.85 4.31
CA GLY B 249 -1.26 2.64 4.07
C GLY B 249 -0.68 2.55 2.69
N GLY B 250 -0.60 1.34 2.14
CA GLY B 250 -0.03 1.20 0.81
C GLY B 250 -0.79 1.98 -0.27
N TYR B 251 -2.12 1.90 -0.21
CA TYR B 251 -3.03 2.56 -1.16
C TYR B 251 -3.12 4.04 -0.92
N THR B 252 -3.11 4.43 0.35
CA THR B 252 -3.16 5.84 0.70
C THR B 252 -1.94 6.54 0.15
N PHE B 253 -0.77 5.89 0.21
CA PHE B 253 0.43 6.52 -0.31
C PHE B 253 0.29 6.68 -1.82
N CYS B 254 -0.11 5.60 -2.49
CA CYS B 254 -0.30 5.65 -3.94
C CYS B 254 -1.33 6.72 -4.34
N GLY B 255 -2.43 6.78 -3.59
CA GLY B 255 -3.49 7.74 -3.87
C GLY B 255 -2.99 9.16 -3.83
N LEU B 256 -2.47 9.58 -2.69
CA LEU B 256 -1.99 10.93 -2.55
C LEU B 256 -0.83 11.24 -3.46
N ALA B 257 0.06 10.27 -3.67
CA ALA B 257 1.21 10.53 -4.53
C ALA B 257 0.73 10.77 -5.98
N ALA B 258 -0.23 9.97 -6.44
CA ALA B 258 -0.83 10.09 -7.78
C ALA B 258 -1.47 11.49 -7.99
N LEU B 259 -2.25 11.95 -7.00
CA LEU B 259 -2.89 13.26 -7.05
C LEU B 259 -1.86 14.41 -7.02
N VAL B 260 -0.75 14.22 -6.33
CA VAL B 260 0.29 15.25 -6.28
C VAL B 260 0.86 15.40 -7.69
N ILE B 261 1.13 14.27 -8.33
CA ILE B 261 1.63 14.26 -9.70
C ILE B 261 0.61 15.01 -10.62
N LEU B 262 -0.67 14.70 -10.45
CA LEU B 262 -1.75 15.31 -11.24
C LEU B 262 -2.16 16.68 -10.70
N LYS B 263 -1.49 17.14 -9.65
CA LYS B 263 -1.80 18.44 -9.07
C LYS B 263 -3.28 18.55 -8.68
N LYS B 264 -3.83 17.48 -8.13
CA LYS B 264 -5.22 17.45 -7.71
C LYS B 264 -5.38 17.02 -6.26
N GLU B 265 -4.35 17.20 -5.42
CA GLU B 265 -4.44 16.78 -4.01
C GLU B 265 -5.64 17.36 -3.27
N ARG B 266 -6.09 18.52 -3.72
CA ARG B 266 -7.22 19.16 -3.08
C ARG B 266 -8.52 18.41 -3.30
N SER B 267 -8.53 17.42 -4.18
CA SER B 267 -9.73 16.63 -4.42
C SER B 267 -10.06 15.83 -3.18
N LEU B 268 -9.07 15.68 -2.31
CA LEU B 268 -9.23 14.91 -1.08
C LEU B 268 -9.44 15.79 0.14
N ASN B 269 -10.01 15.18 1.17
CA ASN B 269 -10.17 15.89 2.41
C ASN B 269 -8.81 15.69 3.11
N LEU B 270 -7.88 16.62 2.88
CA LEU B 270 -6.55 16.52 3.47
C LEU B 270 -6.54 16.45 5.00
N LYS B 271 -7.49 17.10 5.66
CA LYS B 271 -7.55 17.10 7.10
C LYS B 271 -7.80 15.72 7.66
N SER B 272 -8.80 15.01 7.14
CA SER B 272 -9.06 13.69 7.69
C SER B 272 -7.97 12.72 7.28
N LEU B 273 -7.23 13.08 6.22
CA LEU B 273 -6.15 12.24 5.75
C LEU B 273 -5.00 12.39 6.76
N LEU B 274 -4.59 13.63 7.04
CA LEU B 274 -3.53 13.92 8.00
C LEU B 274 -3.81 13.29 9.35
N GLN B 275 -5.02 13.45 9.83
CA GLN B 275 -5.40 12.89 11.12
C GLN B 275 -5.31 11.38 11.10
N TRP B 276 -5.63 10.77 9.97
CA TRP B 276 -5.57 9.32 9.89
C TRP B 276 -4.14 8.76 9.90
N VAL B 277 -3.24 9.32 9.08
CA VAL B 277 -1.86 8.84 9.02
C VAL B 277 -1.16 8.91 10.36
N THR B 278 -1.17 10.12 10.94
CA THR B 278 -0.53 10.37 12.20
C THR B 278 -0.97 9.36 13.23
N SER B 279 -2.24 8.96 13.16
CA SER B 279 -2.74 7.98 14.10
C SER B 279 -2.18 6.59 13.84
N ARG B 280 -1.55 6.43 12.68
CA ARG B 280 -0.96 5.16 12.26
C ARG B 280 0.40 4.84 12.93
N GLN B 281 1.03 5.84 13.55
CA GLN B 281 2.31 5.62 14.24
C GLN B 281 2.01 4.94 15.56
N MET B 282 2.65 3.80 15.81
CA MET B 282 2.44 3.04 17.05
C MET B 282 3.10 3.73 18.26
N ARG B 283 2.30 4.00 19.31
CA ARG B 283 2.78 4.70 20.51
C ARG B 283 3.93 4.00 21.22
N PHE B 284 3.84 2.67 21.35
CA PHE B 284 4.90 1.94 22.01
C PHE B 284 6.02 1.65 21.02
N GLU B 285 5.74 0.78 20.05
CA GLU B 285 6.72 0.39 19.05
C GLU B 285 7.45 1.53 18.36
N GLY B 286 6.73 2.61 18.04
CA GLY B 286 7.33 3.75 17.35
C GLY B 286 7.24 3.71 15.83
N GLY B 287 7.01 2.52 15.26
CA GLY B 287 6.87 2.38 13.82
C GLY B 287 5.38 2.49 13.43
N PHE B 288 5.08 2.40 12.14
CA PHE B 288 3.68 2.50 11.64
C PHE B 288 3.01 1.17 11.30
N GLN B 289 1.70 1.13 11.51
CA GLN B 289 0.87 -0.04 11.15
C GLN B 289 0.23 0.34 9.79
N GLY B 290 -0.29 -0.63 9.04
CA GLY B 290 -0.88 -0.32 7.74
C GLY B 290 -2.33 0.12 7.74
N ARG B 291 -3.08 -0.39 8.72
CA ARG B 291 -4.49 -0.11 8.91
C ARG B 291 -4.70 0.00 10.43
N CYS B 292 -5.77 0.67 10.84
CA CYS B 292 -6.07 0.81 12.25
C CYS B 292 -6.25 -0.58 12.87
N ASN B 293 -5.80 -0.73 14.12
CA ASN B 293 -5.89 -1.98 14.83
C ASN B 293 -5.14 -3.17 14.22
N LYS B 294 -4.06 -2.89 13.53
CA LYS B 294 -3.23 -3.95 12.97
C LYS B 294 -1.80 -3.75 13.48
N LEU B 295 -0.94 -4.74 13.27
CA LEU B 295 0.44 -4.69 13.79
C LEU B 295 1.38 -3.72 13.08
N VAL B 296 2.45 -3.36 13.79
CA VAL B 296 3.48 -2.46 13.27
C VAL B 296 4.26 -3.22 12.18
N ASP B 297 4.90 -2.51 11.27
CA ASP B 297 5.64 -3.19 10.22
C ASP B 297 6.55 -2.18 9.57
N GLY B 298 7.81 -2.59 9.42
CA GLY B 298 8.85 -1.77 8.86
C GLY B 298 8.56 -1.11 7.53
N CYS B 299 7.94 -1.83 6.58
CA CYS B 299 7.65 -1.24 5.26
C CYS B 299 6.79 0.01 5.33
N TYR B 300 5.90 0.09 6.32
CA TYR B 300 5.04 1.25 6.46
C TYR B 300 5.79 2.47 6.93
N SER B 301 7.08 2.29 7.19
CA SER B 301 7.89 3.41 7.60
C SER B 301 7.85 4.28 6.36
N PHE B 302 7.76 3.66 5.17
CA PHE B 302 7.67 4.49 3.98
C PHE B 302 6.23 4.79 3.53
N TRP B 303 5.40 3.78 3.36
CA TRP B 303 4.02 3.99 2.90
C TRP B 303 3.29 5.03 3.70
N GLN B 304 3.39 4.94 5.03
CA GLN B 304 2.73 5.88 5.92
C GLN B 304 3.52 7.16 6.12
N ALA B 305 4.75 7.06 6.61
CA ALA B 305 5.55 8.28 6.82
C ALA B 305 5.75 9.08 5.55
N GLY B 306 5.72 8.41 4.39
CA GLY B 306 5.89 9.10 3.12
C GLY B 306 4.76 10.10 2.86
N LEU B 307 3.62 9.89 3.47
CA LEU B 307 2.48 10.79 3.33
C LEU B 307 2.75 12.16 3.92
N LEU B 308 3.45 12.22 5.05
CA LEU B 308 3.72 13.50 5.71
C LEU B 308 4.42 14.53 4.86
N PRO B 309 5.44 14.15 4.10
CA PRO B 309 6.07 15.20 3.28
C PRO B 309 5.08 15.65 2.17
N LEU B 310 4.23 14.72 1.71
CA LEU B 310 3.25 15.02 0.67
C LEU B 310 2.21 15.99 1.23
N LEU B 311 1.66 15.67 2.39
CA LEU B 311 0.69 16.52 3.06
C LEU B 311 1.30 17.86 3.41
N HIS B 312 2.59 17.86 3.69
CA HIS B 312 3.25 19.08 4.05
C HIS B 312 3.30 20.00 2.82
N ARG B 313 3.60 19.44 1.66
CA ARG B 313 3.66 20.22 0.41
C ARG B 313 2.26 20.76 0.11
N ALA B 314 1.29 19.86 0.12
CA ALA B 314 -0.10 20.17 -0.16
C ALA B 314 -0.57 21.36 0.67
N LEU B 315 -0.55 21.22 1.99
CA LEU B 315 -0.98 22.26 2.90
C LEU B 315 -0.17 23.52 2.70
N HIS B 316 1.13 23.37 2.47
CA HIS B 316 1.93 24.55 2.30
C HIS B 316 1.55 25.32 1.04
N ALA B 317 1.22 24.61 -0.04
CA ALA B 317 0.84 25.30 -1.28
C ALA B 317 -0.45 26.07 -1.05
N GLN B 318 -1.31 25.56 -0.16
CA GLN B 318 -2.57 26.22 0.17
C GLN B 318 -2.35 27.30 1.20
N GLY B 319 -1.09 27.72 1.38
CA GLY B 319 -0.74 28.75 2.33
C GLY B 319 -0.92 28.47 3.82
N ASP B 320 -1.05 27.21 4.22
CA ASP B 320 -1.21 26.90 5.64
C ASP B 320 -0.07 27.56 6.40
N PRO B 321 -0.40 28.48 7.32
CA PRO B 321 0.58 29.22 8.14
C PRO B 321 1.04 28.49 9.43
N ALA B 322 0.29 27.49 9.85
CA ALA B 322 0.63 26.77 11.06
C ALA B 322 1.61 25.64 10.83
N LEU B 323 2.22 25.56 9.65
CA LEU B 323 3.13 24.46 9.39
C LEU B 323 4.52 24.59 10.02
N SER B 324 5.08 23.45 10.42
CA SER B 324 6.41 23.42 11.01
C SER B 324 7.42 23.71 9.92
N MET B 325 8.50 24.37 10.30
CA MET B 325 9.55 24.70 9.37
C MET B 325 10.79 23.84 9.60
N SER B 326 10.64 22.77 10.38
CA SER B 326 11.77 21.89 10.67
C SER B 326 11.42 20.42 10.85
N HIS B 327 10.15 20.09 11.06
CA HIS B 327 9.73 18.70 11.29
C HIS B 327 8.46 18.22 10.58
N TRP B 328 8.47 16.96 10.14
CA TRP B 328 7.31 16.34 9.50
C TRP B 328 6.32 16.12 10.66
N MET B 329 5.05 15.90 10.34
CA MET B 329 4.08 15.71 11.41
C MET B 329 3.96 14.34 12.00
N PHE B 330 5.10 13.73 12.26
CA PHE B 330 5.15 12.43 12.93
C PHE B 330 6.41 12.38 13.81
N HIS B 331 6.51 11.38 14.67
CA HIS B 331 7.68 11.27 15.54
C HIS B 331 8.83 10.69 14.76
N GLN B 332 9.58 11.58 14.11
CA GLN B 332 10.72 11.17 13.33
C GLN B 332 11.66 10.29 14.15
N GLN B 333 11.99 10.75 15.37
CA GLN B 333 12.87 10.04 16.28
C GLN B 333 12.41 8.62 16.58
N ALA B 334 11.16 8.47 16.97
CA ALA B 334 10.58 7.18 17.31
C ALA B 334 10.59 6.19 16.14
N LEU B 335 10.41 6.69 14.93
CA LEU B 335 10.39 5.81 13.76
C LEU B 335 11.82 5.32 13.52
N GLN B 336 12.80 6.22 13.61
CA GLN B 336 14.18 5.84 13.41
C GLN B 336 14.58 4.82 14.48
N GLU B 337 14.15 5.03 15.70
CA GLU B 337 14.48 4.07 16.74
C GLU B 337 13.90 2.72 16.41
N TYR B 338 12.64 2.67 16.01
CA TYR B 338 12.01 1.39 15.64
C TYR B 338 12.79 0.69 14.56
N ILE B 339 13.15 1.45 13.53
CA ILE B 339 13.86 0.89 12.40
C ILE B 339 15.23 0.34 12.81
N LEU B 340 16.06 1.19 13.40
CA LEU B 340 17.43 0.82 13.81
C LEU B 340 17.52 -0.29 14.87
N MET B 341 16.64 -0.25 15.86
CA MET B 341 16.65 -1.24 16.91
C MET B 341 15.91 -2.51 16.59
N CYS B 342 14.77 -2.42 15.90
CA CYS B 342 14.03 -3.64 15.64
C CYS B 342 13.92 -4.14 14.20
N CYS B 343 14.40 -3.38 13.22
CA CYS B 343 14.22 -3.80 11.84
C CYS B 343 15.44 -4.21 11.03
N GLN B 344 16.53 -4.51 11.71
CA GLN B 344 17.75 -4.95 11.02
C GLN B 344 18.05 -6.42 11.22
N CYS B 345 18.54 -7.05 10.17
CA CYS B 345 18.92 -8.47 10.24
C CYS B 345 20.46 -8.55 10.29
N PRO B 346 21.00 -9.43 11.17
CA PRO B 346 22.43 -9.67 11.36
C PRO B 346 23.09 -10.13 10.07
N ALA B 347 22.36 -10.95 9.32
CA ALA B 347 22.89 -11.44 8.05
C ALA B 347 22.77 -10.37 6.94
N GLY B 348 22.18 -9.22 7.27
CA GLY B 348 21.99 -8.17 6.27
C GLY B 348 20.52 -8.08 5.85
N GLY B 349 20.11 -6.90 5.37
CA GLY B 349 18.73 -6.66 4.96
C GLY B 349 17.86 -6.17 6.09
N LEU B 350 16.73 -5.51 5.78
CA LEU B 350 15.84 -5.02 6.83
C LEU B 350 14.55 -5.80 6.97
N LEU B 351 13.78 -5.51 8.02
CA LEU B 351 12.59 -6.30 8.33
C LEU B 351 11.22 -5.66 8.50
N ASP B 352 10.27 -6.54 8.74
CA ASP B 352 8.90 -6.20 9.03
C ASP B 352 9.03 -5.80 10.50
N LYS B 353 9.44 -6.76 11.32
CA LYS B 353 9.64 -6.54 12.75
C LYS B 353 10.61 -7.65 13.22
N PRO B 354 11.10 -7.58 14.47
CA PRO B 354 12.04 -8.60 14.96
C PRO B 354 11.79 -10.05 14.51
N GLY B 355 12.78 -10.62 13.83
CA GLY B 355 12.70 -11.99 13.37
C GLY B 355 11.56 -12.24 12.41
N LYS B 356 11.24 -11.23 11.62
CA LYS B 356 10.11 -11.34 10.69
C LYS B 356 10.35 -10.68 9.34
N SER B 357 10.37 -11.49 8.29
CA SER B 357 10.51 -11.07 6.89
C SER B 357 11.75 -10.34 6.44
N ARG B 358 12.84 -11.06 6.23
CA ARG B 358 14.03 -10.41 5.74
C ARG B 358 13.98 -10.62 4.23
N ASP B 359 13.74 -9.53 3.50
CA ASP B 359 13.67 -9.58 2.04
C ASP B 359 13.98 -8.23 1.43
N PHE B 360 14.14 -8.20 0.11
CA PHE B 360 14.49 -6.96 -0.57
C PHE B 360 13.42 -5.86 -0.51
N TYR B 361 12.16 -6.25 -0.41
CA TYR B 361 11.04 -5.32 -0.29
C TYR B 361 11.19 -4.52 1.04
N HIS B 362 11.26 -5.21 2.17
CA HIS B 362 11.42 -4.54 3.45
C HIS B 362 12.72 -3.80 3.55
N THR B 363 13.76 -4.30 2.91
CA THR B 363 15.03 -3.59 2.95
C THR B 363 14.81 -2.22 2.28
N CYS B 364 14.20 -2.22 1.09
CA CYS B 364 13.92 -0.98 0.34
C CYS B 364 13.04 -0.01 1.14
N TYR B 365 11.93 -0.49 1.68
CA TYR B 365 11.02 0.37 2.42
C TYR B 365 11.42 0.83 3.82
N CYS B 366 12.13 0.00 4.58
CA CYS B 366 12.59 0.42 5.92
C CYS B 366 13.60 1.50 5.67
N LEU B 367 14.45 1.32 4.66
CA LEU B 367 15.45 2.32 4.36
C LEU B 367 14.81 3.61 3.85
N SER B 368 13.85 3.48 2.93
CA SER B 368 13.14 4.64 2.36
C SER B 368 12.45 5.42 3.49
N GLY B 369 11.81 4.70 4.41
CA GLY B 369 11.18 5.34 5.55
C GLY B 369 12.20 6.02 6.47
N LEU B 370 13.31 5.33 6.74
CA LEU B 370 14.37 5.89 7.58
C LEU B 370 14.84 7.21 6.99
N SER B 371 15.06 7.23 5.68
CA SER B 371 15.50 8.47 5.00
C SER B 371 14.46 9.61 5.05
N ILE B 372 13.17 9.26 5.09
CA ILE B 372 12.12 10.26 5.16
C ILE B 372 12.17 10.86 6.55
N ALA B 373 12.29 10.00 7.55
CA ALA B 373 12.37 10.38 8.96
C ALA B 373 13.60 11.22 9.35
N GLN B 374 14.67 11.10 8.56
CA GLN B 374 15.92 11.84 8.77
C GLN B 374 15.97 13.23 8.14
N HIS B 375 15.35 13.38 6.97
CA HIS B 375 15.40 14.65 6.25
C HIS B 375 14.09 15.40 6.12
N PHE B 376 14.14 16.69 6.44
CA PHE B 376 13.00 17.57 6.31
C PHE B 376 13.46 18.70 5.42
N GLY B 377 12.54 19.17 4.60
CA GLY B 377 12.85 20.27 3.71
C GLY B 377 11.52 20.84 3.27
N SER B 378 11.41 22.16 3.31
CA SER B 378 10.21 22.84 2.87
C SER B 378 10.72 24.20 2.43
N GLY B 379 10.72 24.40 1.12
CA GLY B 379 11.20 25.63 0.57
C GLY B 379 12.69 25.70 0.83
N ALA B 380 13.11 26.72 1.56
CA ALA B 380 14.52 26.92 1.88
C ALA B 380 14.91 26.20 3.16
N MET B 381 13.92 25.90 3.99
CA MET B 381 14.14 25.24 5.26
C MET B 381 14.53 23.77 5.12
N LEU B 382 15.65 23.41 5.76
CA LEU B 382 16.21 22.06 5.76
C LEU B 382 16.61 21.74 7.20
N HIS B 383 16.31 20.54 7.67
CA HIS B 383 16.65 20.18 9.05
C HIS B 383 16.63 18.68 9.18
N ASP B 384 17.78 18.11 9.49
CA ASP B 384 17.89 16.68 9.68
C ASP B 384 17.72 16.24 11.11
N VAL B 385 17.37 14.98 11.28
CA VAL B 385 17.23 14.36 12.57
C VAL B 385 17.78 12.96 12.34
N VAL B 386 19.05 12.76 12.69
CA VAL B 386 19.72 11.47 12.53
C VAL B 386 19.93 10.81 13.87
N MET B 387 19.08 9.86 14.22
CA MET B 387 19.27 9.18 15.48
C MET B 387 20.47 8.27 15.34
N GLY B 388 21.11 7.99 16.46
CA GLY B 388 22.29 7.14 16.46
C GLY B 388 23.47 7.89 15.87
N VAL B 389 24.45 7.13 15.40
CA VAL B 389 25.64 7.73 14.85
C VAL B 389 25.35 8.54 13.60
N PRO B 390 26.03 9.68 13.43
CA PRO B 390 25.87 10.53 12.27
C PRO B 390 26.00 9.74 10.98
N GLU B 391 26.76 8.66 11.04
CA GLU B 391 26.99 7.84 9.87
C GLU B 391 25.68 7.20 9.38
N ASN B 392 24.64 7.24 10.21
CA ASN B 392 23.35 6.68 9.84
C ASN B 392 22.61 7.44 8.72
N VAL B 393 23.00 8.68 8.40
CA VAL B 393 22.29 9.42 7.36
C VAL B 393 22.25 8.75 6.02
N LEU B 394 21.04 8.65 5.47
CA LEU B 394 20.81 8.04 4.17
C LEU B 394 20.65 9.16 3.18
N GLN B 395 20.85 8.90 1.90
CA GLN B 395 20.64 9.93 0.89
C GLN B 395 19.14 10.23 0.92
N PRO B 396 18.72 11.44 0.54
CA PRO B 396 17.28 11.70 0.61
C PRO B 396 16.49 11.03 -0.54
N THR B 397 15.21 10.77 -0.30
CA THR B 397 14.36 10.16 -1.32
C THR B 397 13.19 11.11 -1.67
N HIS B 398 12.78 11.11 -2.94
CA HIS B 398 11.65 11.95 -3.40
C HIS B 398 10.41 11.28 -2.80
N PRO B 399 9.58 12.06 -2.11
CA PRO B 399 8.40 11.45 -1.51
C PRO B 399 7.28 10.97 -2.47
N VAL B 400 7.32 11.40 -3.72
CA VAL B 400 6.31 10.97 -4.69
C VAL B 400 6.74 9.69 -5.41
N TYR B 401 7.90 9.75 -6.04
CA TYR B 401 8.44 8.64 -6.80
C TYR B 401 9.28 7.60 -6.05
N ASN B 402 9.78 7.97 -4.86
CA ASN B 402 10.64 7.11 -4.05
C ASN B 402 11.93 6.70 -4.77
N ILE B 403 12.56 7.70 -5.39
CA ILE B 403 13.86 7.56 -6.04
C ILE B 403 14.55 8.89 -5.64
N GLY B 404 15.87 8.97 -5.78
CA GLY B 404 16.57 10.16 -5.39
C GLY B 404 16.06 11.40 -6.08
N PRO B 405 15.91 12.52 -5.35
CA PRO B 405 15.42 13.78 -5.94
C PRO B 405 16.30 14.19 -7.10
N ASP B 406 17.57 13.86 -7.00
CA ASP B 406 18.52 14.18 -8.04
C ASP B 406 18.18 13.36 -9.30
N LYS B 407 17.66 12.15 -9.09
CA LYS B 407 17.31 11.25 -10.19
C LYS B 407 15.99 11.69 -10.82
N VAL B 408 15.07 12.21 -10.01
CA VAL B 408 13.80 12.71 -10.50
C VAL B 408 14.10 13.87 -11.43
N ILE B 409 14.77 14.89 -10.89
CA ILE B 409 15.12 16.05 -11.68
C ILE B 409 15.86 15.68 -12.97
N GLN B 410 16.77 14.74 -12.86
CA GLN B 410 17.57 14.33 -14.01
C GLN B 410 16.72 13.72 -15.11
N ALA B 411 15.85 12.78 -14.73
CA ALA B 411 14.96 12.09 -15.68
C ALA B 411 14.02 13.03 -16.41
N THR B 412 13.27 13.82 -15.64
CA THR B 412 12.28 14.74 -16.18
C THR B 412 12.88 15.75 -17.13
N THR B 413 14.01 16.32 -16.77
CA THR B 413 14.71 17.29 -17.60
C THR B 413 15.11 16.68 -18.96
N HIS B 414 15.47 15.40 -18.93
CA HIS B 414 15.87 14.65 -20.12
C HIS B 414 14.66 14.33 -21.00
N PHE B 415 13.59 13.88 -20.35
CA PHE B 415 12.39 13.52 -21.08
C PHE B 415 11.59 14.72 -21.57
N LEU B 416 11.82 15.88 -20.96
CA LEU B 416 11.20 17.13 -21.37
C LEU B 416 11.93 17.69 -22.59
N GLN B 417 13.00 17.05 -23.03
CA GLN B 417 13.70 17.50 -24.22
C GLN B 417 12.89 16.95 -25.39
N LYS B 418 12.09 15.94 -25.08
CA LYS B 418 11.28 15.25 -26.06
C LYS B 418 9.82 15.67 -26.03
N PRO B 419 9.17 15.73 -27.20
CA PRO B 419 7.77 16.12 -27.25
C PRO B 419 6.89 14.97 -26.79
N VAL B 420 5.77 15.30 -26.14
CA VAL B 420 4.82 14.29 -25.69
C VAL B 420 4.33 13.55 -26.93
N PRO B 421 4.20 12.22 -26.85
CA PRO B 421 3.72 11.48 -28.03
C PRO B 421 2.25 11.80 -28.26
N GLY B 422 1.77 11.47 -29.45
CA GLY B 422 0.38 11.73 -29.79
C GLY B 422 0.02 10.91 -31.01
N PHE B 423 -1.27 10.65 -31.19
CA PHE B 423 -1.77 9.85 -32.30
C PHE B 423 -2.37 10.79 -33.35
N GLU B 424 -1.64 10.98 -34.45
CA GLU B 424 -2.04 11.88 -35.53
C GLU B 424 -3.40 11.58 -36.14
N GLU B 425 -3.71 10.30 -36.33
CA GLU B 425 -5.00 9.89 -36.89
C GLU B 425 -6.17 10.44 -36.06
N CYS B 426 -5.91 10.75 -34.80
CA CYS B 426 -6.92 11.26 -33.89
C CYS B 426 -7.20 12.75 -34.09
N GLU B 427 -6.28 13.44 -34.76
CA GLU B 427 -6.42 14.87 -34.98
C GLU B 427 -6.86 15.29 -36.37
N ASP B 428 -6.69 14.44 -37.37
CA ASP B 428 -7.11 14.85 -38.69
C ASP B 428 -8.63 14.88 -38.82
N ALA B 429 -9.09 15.44 -39.93
CA ALA B 429 -10.52 15.59 -40.21
C ALA B 429 -11.32 14.30 -40.26
N VAL B 430 -12.56 14.39 -39.79
CA VAL B 430 -13.46 13.25 -39.78
C VAL B 430 -13.86 12.94 -41.23
N THR B 431 -13.89 11.66 -41.57
CA THR B 431 -14.26 11.22 -42.90
C THR B 431 -15.57 10.42 -42.82
N SER B 432 -16.16 10.14 -43.98
CA SER B 432 -17.44 9.45 -44.04
C SER B 432 -17.86 8.91 -45.41
N ASP B 433 -17.16 9.29 -46.47
CA ASP B 433 -17.57 8.88 -47.81
C ASP B 433 -16.41 8.44 -48.64
N PRO B 434 -16.44 7.18 -49.15
CA PRO B 434 -15.38 6.63 -49.99
C PRO B 434 -15.12 7.58 -51.17
N ALA B 435 -16.21 8.09 -51.75
CA ALA B 435 -16.17 9.00 -52.90
C ALA B 435 -15.12 10.11 -52.84
N THR B 436 -14.94 10.68 -51.65
CA THR B 436 -13.99 11.78 -51.48
C THR B 436 -12.50 11.44 -51.40
N ASP B 437 -12.16 10.17 -51.56
CA ASP B 437 -10.76 9.72 -51.49
C ASP B 437 -9.83 10.34 -52.55
#